data_6U38
#
_entry.id   6U38
#
_cell.length_a   155.033
_cell.length_b   155.033
_cell.length_c   151.919
_cell.angle_alpha   90.000
_cell.angle_beta   90.000
_cell.angle_gamma   120.000
#
_symmetry.space_group_name_H-M   'P 65'
#
loop_
_entity.id
_entity.type
_entity.pdbx_description
1 polymer 'Proprotein convertase subtilisin/kexin type 9'
2 polymer 'Fab Heavy Chain'
3 polymer 'Fab Light Chain'
4 non-polymer '2-fluoro-4-{[(1R)-1-methyl-6-{[(2S)-oxan-2-yl]methoxy}-1-{2-oxo-2-[(1,3-thiazol-2-yl)amino]ethyl}-1,2,3,4-tetrahydroisoquinolin-7-yl]oxy}benzoic acid'
5 water water
#
loop_
_entity_poly.entity_id
_entity_poly.type
_entity_poly.pdbx_seq_one_letter_code
_entity_poly.pdbx_strand_id
1 'polypeptide(L)'
;QEDEDGDYEELVLALRSEEDGLAEAPEHGTTATFHRCAKDPWRLPGTYVVVLKEETHLSQSERTARRLQAQAARRGYLTK
ILHVFHGLLPGFLVKMSGDLLELALKLPHVDYIEEDSSVFAQSIPWNLERITPPRYRADEYQPPDGGSLVEVYLLDTSIQ
SDHREIEGRVMVTDFENVPEEDGTRFHRQASKCDSHGTHLAGVVSGRDAGVAKGASMRSLRVLNCQGKGTVSGTLIGLEF
IRKSQLVQPVGPLVVLLPLAGGYSRVLNAACQRLARAGVVLVTAAGNFRDDACLYSPASAPEVITVGATNAQDQPVTLGT
LGTNFGRCVDLFAPGEDIIGASSDCSTCFVSQSGTSQAAAHVAGIAAMMLSAEPELTLAELRQRLIHFSAKDVINEAWFP
EDQRVLTPNLVAALPPSTHGAGWQLFCRTVWSAHSGPTRMATAIARCAPDEELLSCSSFSRSGKRRGERMEAQGGKLVCR
AHNAFGGEGVYAIARCCLLPQANCSVHTAPPAEASMGTRVHCHQQGHVLTGCSSHWEVEDLGTHKPPVLRPRGQPNQCVG
HREASIHASCCHAPGLECKVKEHGIPAPQEQVTVACEEGWTLTGCSALPGTSHVLGAYAVDNTCVVRSRDVSTTGSTSEE
AVTAVAICCRSRHLAQASQELQKGNSADIQHSGGRSSLEGPRFEGKPIPNPLLGLDSTRTGHHHHHH
;
A,B
2 'polypeptide(L)'
;EVQLLESGGGLVQPGGSLRLSCKASGYTFSSYGMYWVRQAPGKGLEWIGWIDPGSGGTKYNEKFKGKATISRDNSKNTLY
LQMNSLRAEDTAVYYCARERYGYYFDYWGQGTLVTVSSASTKGPSVFPLAPSSKSTSGGTAALGCLVKDYFPEPVTVSWN
SGALTSGVHTFPAVLQSSGLYSLSSVVTVPSSSLGTQTYICNVNHKPSNTKVDKKVEPKSCDKTHTAAAYPYDVPDYAGG
HHHHHH
;
H
3 'polypeptide(L)'
;EIVLTQSPATLSLSPGERATITCRASQYVGSYLNWYQQKPGQAPRLLIYDASNRATGIPARFSGSGSGTDFTLTISSLEP
EDFAVYYCQVWDSSPPVVFGGGTKVEIKRTVAAPSVFIFPPSDEQLKSGTASVVCLLNNFYPREAKVQWKVDNALQSGNS
QESVTEQDSKDSTYSLSSTLTLSKADYEKHKVYACEVTHQGLSSPVTKSFNRGEC
;
L
#
# COMPACT_ATOMS: atom_id res chain seq x y z
N THR A 31 51.12 -7.57 11.46
CA THR A 31 50.03 -8.33 12.08
C THR A 31 48.65 -7.88 11.57
N ALA A 32 48.55 -6.57 11.18
CA ALA A 32 47.31 -5.97 10.67
C ALA A 32 47.03 -6.43 9.25
N THR A 33 45.76 -6.69 8.98
CA THR A 33 45.28 -7.16 7.69
C THR A 33 44.46 -6.10 6.93
N PHE A 34 44.40 -6.26 5.62
CA PHE A 34 43.64 -5.37 4.76
C PHE A 34 42.42 -6.07 4.18
N HIS A 35 41.29 -5.35 4.14
CA HIS A 35 40.02 -5.84 3.65
C HIS A 35 39.39 -4.89 2.65
N ARG A 36 38.83 -5.46 1.59
CA ARG A 36 38.15 -4.71 0.54
C ARG A 36 37.01 -5.53 -0.05
N CYS A 37 36.12 -4.87 -0.76
CA CYS A 37 34.98 -5.49 -1.40
C CYS A 37 35.42 -6.41 -2.56
N ALA A 38 34.91 -7.66 -2.57
CA ALA A 38 35.20 -8.64 -3.62
C ALA A 38 34.46 -8.22 -4.90
N LYS A 39 33.36 -7.44 -4.76
CA LYS A 39 32.58 -6.91 -5.89
C LYS A 39 33.34 -5.63 -6.28
N ASP A 40 34.24 -5.77 -7.26
CA ASP A 40 35.10 -4.71 -7.73
C ASP A 40 34.34 -3.42 -8.12
N PRO A 41 33.14 -3.43 -8.79
CA PRO A 41 32.48 -2.15 -9.12
C PRO A 41 32.03 -1.38 -7.88
N TRP A 42 31.91 -2.06 -6.71
CA TRP A 42 31.44 -1.45 -5.46
C TRP A 42 32.53 -0.89 -4.56
N ARG A 43 33.79 -1.02 -4.95
CA ARG A 43 34.94 -0.51 -4.19
C ARG A 43 35.00 1.00 -4.23
N LEU A 44 35.40 1.61 -3.10
CA LEU A 44 35.54 3.05 -3.00
C LEU A 44 36.93 3.38 -2.45
N PRO A 45 38.01 3.24 -3.29
CA PRO A 45 39.36 3.56 -2.80
C PRO A 45 39.50 5.05 -2.52
N GLY A 46 40.39 5.38 -1.59
CA GLY A 46 40.63 6.76 -1.19
C GLY A 46 40.04 7.08 0.18
N THR A 47 39.13 6.21 0.67
CA THR A 47 38.46 6.32 1.97
C THR A 47 38.62 4.97 2.67
N TYR A 48 39.18 5.01 3.88
CA TYR A 48 39.48 3.80 4.66
C TYR A 48 38.99 3.85 6.09
N VAL A 49 38.55 2.70 6.60
CA VAL A 49 38.09 2.54 7.97
C VAL A 49 39.22 1.83 8.70
N VAL A 50 39.92 2.57 9.58
CA VAL A 50 41.04 2.04 10.37
C VAL A 50 40.43 1.53 11.67
N VAL A 51 40.40 0.21 11.82
CA VAL A 51 39.82 -0.46 12.99
C VAL A 51 40.92 -0.86 13.94
N LEU A 52 40.82 -0.38 15.16
CA LEU A 52 41.79 -0.67 16.19
C LEU A 52 41.42 -1.90 17.02
N LYS A 53 42.37 -2.36 17.85
CA LYS A 53 42.17 -3.52 18.72
C LYS A 53 41.05 -3.27 19.73
N GLU A 54 40.36 -4.34 20.15
CA GLU A 54 39.23 -4.38 21.08
C GLU A 54 39.24 -3.40 22.30
N GLU A 55 40.33 -3.40 23.09
CA GLU A 55 40.42 -2.60 24.32
C GLU A 55 40.92 -1.15 24.16
N THR A 56 41.10 -0.68 22.92
CA THR A 56 41.58 0.66 22.62
C THR A 56 40.66 1.80 23.14
N HIS A 57 41.29 2.75 23.87
CA HIS A 57 40.63 3.92 24.43
C HIS A 57 40.54 5.00 23.35
N LEU A 58 39.57 5.91 23.47
CA LEU A 58 39.32 7.03 22.55
C LEU A 58 40.55 7.91 22.35
N SER A 59 41.32 8.16 23.43
CA SER A 59 42.54 8.95 23.40
C SER A 59 43.61 8.27 22.54
N GLN A 60 43.64 6.91 22.56
CA GLN A 60 44.58 6.12 21.76
C GLN A 60 44.17 6.12 20.30
N SER A 61 42.85 6.27 20.01
CA SER A 61 42.30 6.33 18.66
C SER A 61 42.66 7.67 18.03
N GLU A 62 42.58 8.75 18.81
CA GLU A 62 42.90 10.10 18.35
C GLU A 62 44.40 10.30 18.19
N ARG A 63 45.20 9.58 19.01
CA ARG A 63 46.65 9.63 18.95
C ARG A 63 47.13 8.93 17.69
N THR A 64 46.48 7.81 17.31
CA THR A 64 46.79 7.01 16.12
C THR A 64 46.45 7.79 14.85
N ALA A 65 45.32 8.51 14.86
CA ALA A 65 44.88 9.33 13.74
C ALA A 65 45.81 10.52 13.53
N ARG A 66 46.37 11.08 14.64
CA ARG A 66 47.31 12.19 14.62
C ARG A 66 48.69 11.72 14.16
N ARG A 67 49.05 10.46 14.52
CA ARG A 67 50.31 9.82 14.12
C ARG A 67 50.30 9.51 12.64
N LEU A 68 49.13 9.10 12.10
CA LEU A 68 48.93 8.78 10.69
C LEU A 68 49.06 10.05 9.83
N GLN A 69 48.52 11.18 10.31
CA GLN A 69 48.58 12.46 9.59
C GLN A 69 50.00 13.00 9.57
N ALA A 70 50.77 12.81 10.67
CA ALA A 70 52.15 13.27 10.82
C ALA A 70 53.09 12.49 9.88
N GLN A 71 52.93 11.16 9.81
CA GLN A 71 53.76 10.30 8.96
C GLN A 71 53.46 10.48 7.47
N ALA A 72 52.22 10.86 7.13
CA ALA A 72 51.81 11.08 5.74
C ALA A 72 52.22 12.46 5.22
N ALA A 73 52.10 13.52 6.06
CA ALA A 73 52.47 14.90 5.71
C ALA A 73 54.00 15.03 5.58
N ARG A 74 54.75 14.16 6.27
CA ARG A 74 56.21 14.10 6.22
C ARG A 74 56.62 13.57 4.84
N ARG A 75 55.77 12.71 4.23
CA ARG A 75 56.01 12.10 2.92
C ARG A 75 55.33 12.86 1.75
N GLY A 76 54.66 13.96 2.04
CA GLY A 76 53.99 14.82 1.06
C GLY A 76 52.56 14.50 0.71
N TYR A 77 51.82 13.83 1.63
CA TYR A 77 50.42 13.47 1.42
C TYR A 77 49.48 14.29 2.30
N LEU A 78 48.39 14.78 1.72
CA LEU A 78 47.37 15.56 2.43
C LEU A 78 46.23 14.62 2.78
N THR A 79 46.08 14.32 4.07
CA THR A 79 45.05 13.41 4.59
C THR A 79 43.97 14.17 5.36
N LYS A 80 42.84 13.50 5.63
CA LYS A 80 41.73 14.08 6.36
C LYS A 80 40.98 13.04 7.18
N ILE A 81 40.88 13.27 8.49
CA ILE A 81 40.16 12.38 9.39
C ILE A 81 38.72 12.85 9.32
N LEU A 82 37.86 12.02 8.71
CA LEU A 82 36.45 12.31 8.52
C LEU A 82 35.58 12.05 9.73
N HIS A 83 35.91 11.03 10.53
CA HIS A 83 35.15 10.66 11.71
C HIS A 83 36.01 9.83 12.64
N VAL A 84 35.74 9.90 13.95
CA VAL A 84 36.45 9.13 14.98
C VAL A 84 35.38 8.31 15.70
N PHE A 85 35.51 6.98 15.61
CA PHE A 85 34.59 6.02 16.22
C PHE A 85 34.90 5.74 17.67
N HIS A 86 33.83 5.73 18.49
CA HIS A 86 33.86 5.44 19.92
C HIS A 86 32.47 5.06 20.39
N GLY A 87 32.40 3.92 21.05
CA GLY A 87 31.15 3.40 21.57
C GLY A 87 30.74 2.11 20.92
N LEU A 88 30.90 2.03 19.60
CA LEU A 88 30.56 0.83 18.85
C LEU A 88 31.85 0.09 18.55
N LEU A 89 32.78 0.75 17.85
CA LEU A 89 34.07 0.16 17.50
C LEU A 89 35.19 1.17 17.68
N PRO A 90 36.40 0.74 18.12
CA PRO A 90 37.49 1.71 18.30
C PRO A 90 38.14 1.91 16.94
N GLY A 91 38.33 3.16 16.58
CA GLY A 91 38.94 3.47 15.30
C GLY A 91 38.51 4.80 14.74
N PHE A 92 38.81 5.03 13.47
CA PHE A 92 38.49 6.28 12.79
C PHE A 92 38.32 6.05 11.28
N LEU A 93 37.82 7.09 10.60
CA LEU A 93 37.59 7.13 9.18
C LEU A 93 38.54 8.15 8.58
N VAL A 94 39.38 7.70 7.65
CA VAL A 94 40.40 8.53 7.01
C VAL A 94 40.23 8.61 5.48
N LYS A 95 40.50 9.81 4.95
CA LYS A 95 40.47 10.09 3.53
C LYS A 95 41.93 10.32 3.16
N MET A 96 42.55 9.33 2.55
CA MET A 96 43.96 9.37 2.17
C MET A 96 44.19 8.56 0.90
N SER A 97 45.40 8.65 0.35
CA SER A 97 45.81 7.90 -0.84
C SER A 97 46.02 6.44 -0.45
N GLY A 98 45.87 5.56 -1.43
CA GLY A 98 46.06 4.12 -1.28
C GLY A 98 47.51 3.76 -1.04
N ASP A 99 48.43 4.72 -1.30
CA ASP A 99 49.88 4.57 -1.13
C ASP A 99 50.28 4.49 0.33
N LEU A 100 49.42 5.02 1.20
CA LEU A 100 49.68 5.05 2.64
C LEU A 100 49.18 3.83 3.40
N LEU A 101 48.70 2.78 2.69
CA LEU A 101 48.19 1.59 3.34
C LEU A 101 49.26 0.76 4.02
N GLU A 102 50.44 0.66 3.41
CA GLU A 102 51.57 -0.10 3.96
C GLU A 102 52.06 0.56 5.26
N LEU A 103 52.03 1.90 5.29
CA LEU A 103 52.40 2.78 6.40
C LEU A 103 51.36 2.65 7.54
N ALA A 104 50.06 2.79 7.20
CA ALA A 104 48.94 2.70 8.12
C ALA A 104 48.77 1.30 8.76
N LEU A 105 49.07 0.21 8.03
CA LEU A 105 48.94 -1.15 8.57
C LEU A 105 50.04 -1.46 9.60
N LYS A 106 51.14 -0.67 9.58
CA LYS A 106 52.27 -0.81 10.48
C LYS A 106 52.14 0.03 11.74
N LEU A 107 51.05 0.81 11.84
CA LEU A 107 50.78 1.65 13.01
C LEU A 107 50.40 0.81 14.20
N PRO A 108 50.85 1.19 15.43
CA PRO A 108 50.50 0.38 16.62
C PRO A 108 49.02 0.52 16.97
N HIS A 109 48.45 -0.51 17.63
CA HIS A 109 47.04 -0.67 18.06
C HIS A 109 46.08 -1.00 16.92
N VAL A 110 46.57 -1.07 15.67
CA VAL A 110 45.75 -1.35 14.49
C VAL A 110 45.42 -2.84 14.38
N ASP A 111 44.11 -3.15 14.29
CA ASP A 111 43.62 -4.52 14.15
C ASP A 111 43.55 -4.85 12.66
N TYR A 112 42.83 -4.01 11.89
CA TYR A 112 42.66 -4.13 10.44
C TYR A 112 42.19 -2.82 9.84
N ILE A 113 42.41 -2.68 8.53
CA ILE A 113 41.98 -1.52 7.76
C ILE A 113 41.09 -2.01 6.65
N GLU A 114 39.94 -1.39 6.51
CA GLU A 114 39.02 -1.77 5.48
C GLU A 114 38.71 -0.62 4.53
N GLU A 115 38.82 -0.88 3.24
CA GLU A 115 38.53 0.10 2.21
C GLU A 115 37.03 0.27 2.15
N ASP A 116 36.57 1.52 2.04
CA ASP A 116 35.15 1.82 1.98
C ASP A 116 34.56 1.26 0.70
N SER A 117 33.27 0.89 0.78
CA SER A 117 32.53 0.33 -0.33
C SER A 117 31.09 0.78 -0.26
N SER A 118 30.37 0.65 -1.38
CA SER A 118 28.98 1.04 -1.54
C SER A 118 27.98 0.02 -1.06
N VAL A 119 26.88 0.51 -0.48
CA VAL A 119 25.73 -0.27 -0.04
C VAL A 119 24.57 0.22 -0.87
N PHE A 120 23.56 -0.61 -1.10
CA PHE A 120 22.44 -0.23 -1.94
C PHE A 120 21.11 -0.64 -1.36
N ALA A 121 20.06 0.15 -1.66
CA ALA A 121 18.69 -0.15 -1.25
C ALA A 121 18.25 -1.38 -2.04
N GLN A 122 17.66 -2.37 -1.35
CA GLN A 122 17.17 -3.63 -1.91
C GLN A 122 15.63 -3.60 -2.13
N SER B 123 -9.67 -5.24 0.02
CA SER B 123 -9.68 -6.05 1.24
C SER B 123 -8.26 -6.02 1.86
N ILE B 124 -7.84 -7.15 2.47
CA ILE B 124 -6.54 -7.35 3.09
C ILE B 124 -5.59 -7.81 1.99
N PRO B 125 -4.43 -7.12 1.84
CA PRO B 125 -3.45 -7.54 0.81
C PRO B 125 -2.93 -8.93 1.16
N TRP B 126 -2.55 -9.72 0.14
CA TRP B 126 -2.07 -11.10 0.27
C TRP B 126 -0.91 -11.31 1.29
N ASN B 127 0.02 -10.36 1.37
CA ASN B 127 1.20 -10.38 2.23
C ASN B 127 0.86 -10.34 3.73
N LEU B 128 -0.41 -10.08 4.08
CA LEU B 128 -0.86 -9.99 5.48
C LEU B 128 -1.80 -11.13 5.87
N GLU B 129 -1.88 -12.15 5.01
CA GLU B 129 -2.73 -13.32 5.21
C GLU B 129 -2.24 -14.21 6.34
N ARG B 130 -0.90 -14.34 6.49
CA ARG B 130 -0.28 -15.16 7.52
C ARG B 130 0.04 -14.37 8.79
N ILE B 131 -0.55 -13.17 8.93
CA ILE B 131 -0.36 -12.31 10.10
C ILE B 131 -1.65 -12.28 10.91
N THR B 132 -1.53 -12.55 12.22
CA THR B 132 -2.66 -12.55 13.17
C THR B 132 -2.44 -11.41 14.16
N SER B 148 4.62 -1.60 22.80
CA SER B 148 4.92 -1.11 24.14
C SER B 148 6.42 -0.88 24.34
N LEU B 149 6.87 0.40 24.18
CA LEU B 149 8.28 0.81 24.35
C LEU B 149 9.27 0.08 23.37
N VAL B 150 8.73 -0.51 22.28
CA VAL B 150 9.52 -1.21 21.27
C VAL B 150 9.79 -0.25 20.15
N GLU B 151 11.08 0.06 19.93
CA GLU B 151 11.54 0.97 18.88
C GLU B 151 12.05 0.22 17.67
N VAL B 152 11.72 0.71 16.48
CA VAL B 152 12.17 0.14 15.21
C VAL B 152 12.99 1.21 14.52
N TYR B 153 14.32 1.03 14.48
CA TYR B 153 15.23 1.95 13.83
C TYR B 153 15.34 1.55 12.38
N LEU B 154 15.20 2.53 11.49
CA LEU B 154 15.26 2.31 10.05
C LEU B 154 16.45 3.05 9.45
N LEU B 155 17.40 2.32 8.83
CA LEU B 155 18.57 2.89 8.18
C LEU B 155 18.30 2.73 6.72
N ASP B 156 17.75 3.78 6.11
CA ASP B 156 17.36 3.76 4.72
C ASP B 156 17.54 5.14 4.08
N THR B 157 16.69 5.48 3.09
CA THR B 157 16.69 6.77 2.41
C THR B 157 15.88 7.71 3.30
N SER B 158 15.63 8.94 2.85
CA SER B 158 14.80 9.84 3.65
C SER B 158 13.37 9.30 3.52
N ILE B 159 12.52 9.58 4.51
CA ILE B 159 11.14 9.10 4.52
C ILE B 159 10.18 10.31 4.51
N GLN B 160 8.97 10.12 3.99
CA GLN B 160 7.97 11.17 3.99
C GLN B 160 7.15 10.89 5.26
N SER B 161 7.54 11.55 6.36
CA SER B 161 6.91 11.37 7.67
C SER B 161 5.48 11.93 7.79
N ASP B 162 5.03 12.80 6.85
CA ASP B 162 3.69 13.40 6.87
C ASP B 162 2.63 12.45 6.30
N HIS B 163 3.09 11.30 5.77
CA HIS B 163 2.21 10.30 5.17
C HIS B 163 1.25 9.75 6.21
N ARG B 164 -0.05 9.73 5.87
CA ARG B 164 -1.17 9.28 6.71
C ARG B 164 -1.03 7.87 7.29
N GLU B 165 -0.26 7.04 6.61
CA GLU B 165 -0.01 5.66 6.98
C GLU B 165 0.92 5.52 8.18
N ILE B 166 1.90 6.43 8.29
CA ILE B 166 2.94 6.40 9.31
C ILE B 166 3.12 7.67 10.17
N GLU B 167 2.36 8.74 9.92
CA GLU B 167 2.51 9.98 10.69
C GLU B 167 2.15 9.80 12.18
N GLY B 168 2.93 10.44 13.05
CA GLY B 168 2.73 10.38 14.50
C GLY B 168 3.48 9.24 15.17
N ARG B 169 3.78 8.16 14.41
CA ARG B 169 4.48 6.97 14.88
C ARG B 169 5.93 6.88 14.45
N VAL B 170 6.27 7.51 13.32
CA VAL B 170 7.61 7.50 12.77
C VAL B 170 8.28 8.85 13.00
N MET B 171 9.38 8.82 13.75
CA MET B 171 10.18 9.98 14.11
C MET B 171 11.41 10.08 13.17
N VAL B 172 11.70 11.29 12.67
CA VAL B 172 12.85 11.52 11.81
C VAL B 172 13.98 12.04 12.68
N THR B 173 15.07 11.26 12.77
CA THR B 173 16.24 11.66 13.56
C THR B 173 17.03 12.73 12.80
N ASP B 174 18.03 13.33 13.45
CA ASP B 174 18.88 14.38 12.85
C ASP B 174 20.00 13.74 11.98
N PHE B 175 20.11 12.39 12.02
CA PHE B 175 21.13 11.66 11.29
C PHE B 175 20.95 11.64 9.77
N GLU B 176 22.07 11.93 9.07
CA GLU B 176 22.17 11.96 7.63
C GLU B 176 23.63 11.82 7.21
N ASN B 177 23.93 10.77 6.46
CA ASN B 177 25.26 10.50 5.95
C ASN B 177 25.12 9.72 4.67
N VAL B 178 25.06 10.48 3.56
CA VAL B 178 24.88 9.95 2.22
C VAL B 178 25.90 10.43 1.18
N PRO B 179 26.26 9.61 0.17
CA PRO B 179 27.22 10.10 -0.83
C PRO B 179 26.41 10.85 -1.87
N GLU B 180 26.65 12.18 -2.06
CA GLU B 180 25.88 12.98 -3.05
C GLU B 180 26.47 12.85 -4.45
N ALA B 190 12.50 14.88 -5.37
CA ALA B 190 12.19 15.14 -3.96
C ALA B 190 11.22 14.10 -3.36
N SER B 191 10.37 13.50 -4.19
CA SER B 191 9.42 12.45 -3.82
C SER B 191 10.01 11.12 -4.29
N LYS B 192 11.01 11.15 -5.19
CA LYS B 192 11.68 9.94 -5.63
C LYS B 192 12.77 9.62 -4.61
N CYS B 193 13.20 10.64 -3.81
CA CYS B 193 14.20 10.56 -2.73
C CYS B 193 13.64 9.78 -1.55
N ASP B 194 12.32 9.96 -1.30
CA ASP B 194 11.57 9.36 -0.21
C ASP B 194 10.87 8.06 -0.52
N SER B 195 10.75 7.67 -1.81
CA SER B 195 10.08 6.45 -2.26
C SER B 195 10.41 5.14 -1.53
N HIS B 196 11.69 4.81 -1.37
CA HIS B 196 12.09 3.56 -0.76
C HIS B 196 11.84 3.48 0.77
N GLY B 197 12.24 4.50 1.51
CA GLY B 197 12.06 4.60 2.95
C GLY B 197 10.61 4.67 3.42
N THR B 198 9.77 5.47 2.71
CA THR B 198 8.34 5.65 3.01
C THR B 198 7.58 4.33 2.88
N HIS B 199 7.87 3.55 1.83
CA HIS B 199 7.23 2.27 1.56
C HIS B 199 7.51 1.29 2.69
N LEU B 200 8.79 1.19 3.10
CA LEU B 200 9.25 0.29 4.16
C LEU B 200 8.75 0.66 5.52
N ALA B 201 8.54 1.96 5.78
CA ALA B 201 7.99 2.42 7.05
C ALA B 201 6.53 1.99 7.10
N GLY B 202 5.87 2.03 5.93
CA GLY B 202 4.49 1.63 5.73
C GLY B 202 4.30 0.12 5.81
N VAL B 203 5.34 -0.66 5.45
CA VAL B 203 5.31 -2.13 5.51
C VAL B 203 5.37 -2.56 6.99
N VAL B 204 6.23 -1.91 7.80
CA VAL B 204 6.38 -2.19 9.21
C VAL B 204 5.19 -1.71 10.05
N SER B 205 4.96 -0.38 10.10
CA SER B 205 3.94 0.26 10.94
C SER B 205 2.78 0.98 10.25
N GLY B 206 2.39 0.55 9.06
CA GLY B 206 1.28 1.15 8.32
C GLY B 206 -0.07 0.88 8.95
N ARG B 207 -0.90 1.93 9.10
CA ARG B 207 -2.23 1.84 9.72
C ARG B 207 -3.18 0.91 8.99
N ASP B 208 -3.07 0.84 7.65
CA ASP B 208 -3.92 0.01 6.79
C ASP B 208 -3.18 -1.20 6.21
N ALA B 209 -1.95 -0.99 5.68
CA ALA B 209 -1.14 -2.01 5.01
C ALA B 209 0.16 -2.43 5.75
N GLY B 210 0.25 -2.15 7.05
CA GLY B 210 1.40 -2.52 7.87
C GLY B 210 1.24 -3.85 8.56
N VAL B 211 2.37 -4.45 8.98
CA VAL B 211 2.41 -5.73 9.68
C VAL B 211 2.11 -5.41 11.16
N ALA B 212 2.97 -4.59 11.80
CA ALA B 212 2.84 -4.14 13.17
C ALA B 212 2.17 -2.76 13.13
N LYS B 213 0.86 -2.74 12.85
CA LYS B 213 0.03 -1.53 12.76
C LYS B 213 0.15 -0.60 13.98
N GLY B 214 0.76 0.56 13.73
CA GLY B 214 0.97 1.60 14.73
C GLY B 214 2.25 1.51 15.52
N ALA B 215 3.26 0.74 15.03
CA ALA B 215 4.54 0.59 15.73
C ALA B 215 5.35 1.88 15.68
N SER B 216 6.12 2.13 16.74
CA SER B 216 6.96 3.31 16.85
C SER B 216 8.25 3.06 16.08
N MET B 217 8.59 4.00 15.19
CA MET B 217 9.78 3.91 14.36
C MET B 217 10.64 5.17 14.48
N ARG B 218 11.94 5.02 14.23
CA ARG B 218 12.93 6.10 14.23
C ARG B 218 13.76 5.94 12.96
N SER B 219 13.78 6.99 12.12
CA SER B 219 14.43 7.00 10.82
C SER B 219 15.79 7.69 10.78
N LEU B 220 16.78 7.00 10.16
CA LEU B 220 18.14 7.46 9.92
C LEU B 220 18.36 7.43 8.41
N ARG B 221 19.05 8.42 7.87
CA ARG B 221 19.30 8.51 6.44
C ARG B 221 20.72 8.10 6.05
N VAL B 222 20.87 6.91 5.46
CA VAL B 222 22.15 6.35 5.05
C VAL B 222 22.20 6.12 3.54
N LEU B 223 21.07 6.29 2.86
CA LEU B 223 21.00 6.09 1.43
C LEU B 223 20.51 7.34 0.77
N ASN B 224 21.17 7.75 -0.32
CA ASN B 224 20.83 8.96 -1.05
C ASN B 224 19.52 8.81 -1.86
N CYS B 225 19.23 9.78 -2.73
CA CYS B 225 18.05 9.82 -3.60
C CYS B 225 18.00 8.67 -4.61
N GLN B 226 19.17 8.07 -4.91
CA GLN B 226 19.31 6.96 -5.83
C GLN B 226 19.46 5.61 -5.10
N GLY B 227 19.22 5.63 -3.78
CA GLY B 227 19.28 4.49 -2.87
C GLY B 227 20.66 3.94 -2.64
N LYS B 228 21.69 4.78 -2.84
CA LYS B 228 23.10 4.42 -2.67
C LYS B 228 23.66 5.00 -1.39
N GLY B 229 24.47 4.19 -0.71
CA GLY B 229 25.12 4.55 0.52
C GLY B 229 26.53 4.01 0.58
N THR B 230 27.15 4.08 1.76
CA THR B 230 28.51 3.60 1.98
C THR B 230 28.49 2.74 3.21
N VAL B 231 29.55 1.93 3.39
CA VAL B 231 29.69 1.07 4.57
C VAL B 231 30.03 2.01 5.74
N SER B 232 30.93 3.00 5.50
CA SER B 232 31.36 4.00 6.48
C SER B 232 30.20 4.83 7.02
N GLY B 233 29.29 5.24 6.13
CA GLY B 233 28.09 6.00 6.48
C GLY B 233 27.11 5.17 7.30
N THR B 234 27.07 3.85 7.03
CA THR B 234 26.22 2.87 7.72
C THR B 234 26.76 2.62 9.13
N LEU B 235 28.11 2.59 9.29
CA LEU B 235 28.78 2.38 10.59
C LEU B 235 28.46 3.51 11.53
N ILE B 236 28.47 4.77 11.02
CA ILE B 236 28.20 5.97 11.80
C ILE B 236 26.73 5.97 12.26
N GLY B 237 25.84 5.44 11.42
CA GLY B 237 24.42 5.28 11.71
C GLY B 237 24.20 4.28 12.83
N LEU B 238 24.99 3.18 12.83
CA LEU B 238 24.91 2.14 13.85
C LEU B 238 25.49 2.61 15.16
N GLU B 239 26.45 3.56 15.11
CA GLU B 239 27.09 4.15 16.27
C GLU B 239 26.09 5.14 16.87
N PHE B 240 25.26 5.78 16.02
CA PHE B 240 24.23 6.72 16.42
C PHE B 240 23.16 6.01 17.25
N ILE B 241 22.88 4.73 16.93
CA ILE B 241 21.90 3.89 17.61
C ILE B 241 22.42 3.48 18.98
N ARG B 242 23.72 3.09 19.05
CA ARG B 242 24.38 2.70 20.29
C ARG B 242 24.39 3.85 21.28
N LYS B 243 24.60 5.09 20.79
CA LYS B 243 24.60 6.32 21.59
C LYS B 243 23.17 6.62 22.03
N SER B 244 22.18 6.39 21.15
CA SER B 244 20.76 6.61 21.43
C SER B 244 20.20 5.58 22.41
N GLN B 245 20.75 4.33 22.40
CA GLN B 245 20.36 3.22 23.27
C GLN B 245 20.71 3.54 24.72
N LEU B 246 21.80 4.28 24.93
CA LEU B 246 22.27 4.68 26.25
C LEU B 246 21.54 5.91 26.83
N VAL B 247 20.95 6.72 25.94
CA VAL B 247 20.22 7.94 26.31
C VAL B 247 18.73 7.63 26.54
N GLN B 248 18.07 7.02 25.55
CA GLN B 248 16.65 6.65 25.58
C GLN B 248 16.36 5.59 26.65
N PRO B 249 15.09 5.49 27.16
CA PRO B 249 14.79 4.49 28.20
C PRO B 249 15.03 3.09 27.69
N VAL B 250 15.29 2.16 28.62
CA VAL B 250 15.56 0.75 28.35
C VAL B 250 14.32 0.06 27.81
N GLY B 251 14.49 -0.59 26.66
CA GLY B 251 13.44 -1.30 25.95
C GLY B 251 13.96 -2.08 24.75
N PRO B 252 13.11 -2.93 24.14
CA PRO B 252 13.55 -3.72 22.98
C PRO B 252 13.79 -2.84 21.76
N LEU B 253 14.95 -3.00 21.13
CA LEU B 253 15.36 -2.26 19.95
C LEU B 253 15.42 -3.19 18.75
N VAL B 254 14.77 -2.79 17.66
CA VAL B 254 14.80 -3.55 16.41
C VAL B 254 15.48 -2.64 15.39
N VAL B 255 16.55 -3.10 14.75
CA VAL B 255 17.23 -2.31 13.74
C VAL B 255 16.98 -2.95 12.37
N LEU B 256 16.26 -2.23 11.50
CA LEU B 256 15.95 -2.70 10.16
C LEU B 256 17.00 -2.17 9.20
N LEU B 257 17.78 -3.08 8.58
CA LEU B 257 18.84 -2.76 7.62
C LEU B 257 18.43 -3.28 6.22
N PRO B 258 17.58 -2.51 5.47
CA PRO B 258 17.12 -2.98 4.16
C PRO B 258 18.09 -2.59 3.03
N LEU B 259 19.37 -2.87 3.28
CA LEU B 259 20.46 -2.57 2.36
C LEU B 259 21.43 -3.73 2.26
N ALA B 260 22.27 -3.69 1.21
CA ALA B 260 23.27 -4.70 0.96
C ALA B 260 24.37 -4.16 0.10
N GLY B 261 25.57 -4.53 0.51
CA GLY B 261 26.82 -4.25 -0.17
C GLY B 261 27.52 -5.61 -0.20
N GLY B 262 28.80 -5.63 -0.56
CA GLY B 262 29.56 -6.87 -0.59
C GLY B 262 29.92 -7.23 0.84
N TYR B 263 30.60 -8.37 1.05
CA TYR B 263 31.00 -8.78 2.39
C TYR B 263 31.91 -7.70 3.00
N SER B 264 31.56 -7.24 4.21
CA SER B 264 32.31 -6.21 4.93
C SER B 264 32.61 -6.73 6.31
N ARG B 265 33.90 -6.78 6.66
CA ARG B 265 34.35 -7.26 7.97
C ARG B 265 33.92 -6.29 9.07
N VAL B 266 34.09 -4.97 8.84
CA VAL B 266 33.75 -3.90 9.78
C VAL B 266 32.22 -3.80 10.01
N LEU B 267 31.42 -3.99 8.96
CA LEU B 267 29.97 -3.91 9.08
C LEU B 267 29.37 -5.08 9.86
N ASN B 268 29.92 -6.29 9.68
CA ASN B 268 29.47 -7.50 10.38
C ASN B 268 29.91 -7.46 11.83
N ALA B 269 31.07 -6.82 12.12
CA ALA B 269 31.60 -6.64 13.47
C ALA B 269 30.76 -5.61 14.22
N ALA B 270 30.20 -4.60 13.49
CA ALA B 270 29.33 -3.58 14.07
C ALA B 270 27.97 -4.17 14.43
N CYS B 271 27.47 -5.11 13.60
CA CYS B 271 26.21 -5.82 13.82
C CYS B 271 26.37 -6.77 15.01
N GLN B 272 27.60 -7.29 15.22
CA GLN B 272 27.94 -8.20 16.32
C GLN B 272 27.94 -7.42 17.64
N ARG B 273 28.45 -6.18 17.62
CA ARG B 273 28.51 -5.29 18.77
C ARG B 273 27.13 -4.89 19.30
N LEU B 274 26.20 -4.57 18.38
CA LEU B 274 24.84 -4.16 18.73
C LEU B 274 24.03 -5.33 19.25
N ALA B 275 24.18 -6.52 18.63
CA ALA B 275 23.46 -7.73 19.03
C ALA B 275 23.90 -8.19 20.42
N ARG B 276 25.15 -7.87 20.81
CA ARG B 276 25.72 -8.19 22.13
C ARG B 276 25.16 -7.24 23.18
N ALA B 277 24.55 -6.12 22.73
CA ALA B 277 23.93 -5.11 23.58
C ALA B 277 22.41 -5.36 23.70
N GLY B 278 21.93 -6.43 23.06
CA GLY B 278 20.53 -6.85 23.09
C GLY B 278 19.67 -6.35 21.95
N VAL B 279 20.29 -5.85 20.87
CA VAL B 279 19.56 -5.34 19.70
C VAL B 279 19.24 -6.46 18.70
N VAL B 280 18.00 -6.48 18.21
CA VAL B 280 17.52 -7.43 17.20
C VAL B 280 17.70 -6.76 15.83
N LEU B 281 18.65 -7.26 15.03
CA LEU B 281 18.94 -6.70 13.70
C LEU B 281 18.30 -7.56 12.63
N VAL B 282 17.51 -6.93 11.77
CA VAL B 282 16.79 -7.58 10.67
C VAL B 282 17.33 -6.97 9.40
N THR B 283 17.91 -7.79 8.54
CA THR B 283 18.49 -7.36 7.28
C THR B 283 17.87 -8.06 6.07
N ALA B 284 18.12 -7.50 4.86
CA ALA B 284 17.68 -8.03 3.58
C ALA B 284 18.79 -8.96 3.06
N ALA B 285 18.41 -10.09 2.42
CA ALA B 285 19.37 -11.04 1.87
C ALA B 285 20.11 -10.52 0.62
N GLY B 286 19.46 -9.62 -0.10
CA GLY B 286 19.97 -9.02 -1.33
C GLY B 286 19.14 -9.49 -2.50
N ASN B 287 19.20 -8.73 -3.61
CA ASN B 287 18.45 -9.05 -4.83
C ASN B 287 19.38 -9.36 -6.00
N PHE B 288 20.36 -10.22 -5.77
CA PHE B 288 21.37 -10.52 -6.77
C PHE B 288 21.38 -11.96 -7.31
N ARG B 289 20.36 -12.80 -6.98
CA ARG B 289 20.23 -14.19 -7.43
C ARG B 289 21.55 -14.94 -7.09
N ASP B 290 22.12 -14.60 -5.94
CA ASP B 290 23.39 -15.10 -5.46
C ASP B 290 23.32 -15.61 -4.04
N ASP B 291 24.47 -16.10 -3.54
CA ASP B 291 24.62 -16.61 -2.19
C ASP B 291 24.72 -15.38 -1.28
N ALA B 292 23.81 -15.27 -0.30
CA ALA B 292 23.76 -14.16 0.64
C ALA B 292 24.99 -14.07 1.58
N CYS B 293 25.84 -15.10 1.61
CA CYS B 293 27.06 -15.14 2.44
C CYS B 293 28.14 -14.18 1.91
N LEU B 294 27.99 -13.73 0.66
CA LEU B 294 28.89 -12.82 -0.03
C LEU B 294 28.47 -11.35 0.14
N TYR B 295 27.41 -11.13 0.92
CA TYR B 295 26.88 -9.80 1.14
C TYR B 295 26.81 -9.39 2.60
N SER B 296 26.94 -8.08 2.87
CA SER B 296 26.85 -7.56 4.23
C SER B 296 25.75 -6.48 4.30
N PRO B 297 24.97 -6.39 5.41
CA PRO B 297 25.07 -7.16 6.66
C PRO B 297 24.33 -8.51 6.63
N ALA B 298 24.00 -9.04 5.43
CA ALA B 298 23.33 -10.35 5.26
C ALA B 298 24.13 -11.53 5.82
N SER B 299 25.48 -11.52 5.66
CA SER B 299 26.38 -12.57 6.13
C SER B 299 26.74 -12.49 7.63
N ALA B 300 26.28 -11.44 8.35
CA ALA B 300 26.55 -11.26 9.79
C ALA B 300 25.79 -12.33 10.59
N PRO B 301 26.51 -13.25 11.29
CA PRO B 301 25.82 -14.34 12.02
C PRO B 301 24.82 -13.91 13.07
N GLU B 302 24.97 -12.70 13.62
CA GLU B 302 24.11 -12.19 14.68
C GLU B 302 22.82 -11.50 14.23
N VAL B 303 22.59 -11.40 12.93
CA VAL B 303 21.40 -10.73 12.39
C VAL B 303 20.40 -11.75 11.87
N ILE B 304 19.19 -11.26 11.54
CA ILE B 304 18.13 -12.07 10.98
C ILE B 304 18.08 -11.64 9.51
N THR B 305 18.61 -12.51 8.63
CA THR B 305 18.69 -12.35 7.18
C THR B 305 17.43 -12.90 6.55
N VAL B 306 16.75 -12.03 5.78
CA VAL B 306 15.47 -12.33 5.14
C VAL B 306 15.47 -12.29 3.61
N GLY B 307 15.07 -13.44 3.04
CA GLY B 307 14.93 -13.64 1.61
C GLY B 307 13.51 -13.25 1.21
N ALA B 308 13.23 -13.12 -0.11
CA ALA B 308 11.91 -12.73 -0.57
C ALA B 308 11.16 -13.79 -1.38
N THR B 309 9.85 -13.91 -1.13
CA THR B 309 8.93 -14.81 -1.82
C THR B 309 7.74 -14.03 -2.37
N ASN B 310 7.10 -14.56 -3.42
CA ASN B 310 5.96 -13.93 -4.05
C ASN B 310 4.63 -14.45 -3.48
N ALA B 311 3.50 -14.08 -4.12
CA ALA B 311 2.15 -14.49 -3.70
C ALA B 311 1.93 -16.02 -3.75
N GLN B 312 2.70 -16.74 -4.59
CA GLN B 312 2.60 -18.19 -4.71
C GLN B 312 3.67 -18.90 -3.87
N ASP B 313 4.28 -18.17 -2.90
CA ASP B 313 5.34 -18.62 -1.99
C ASP B 313 6.57 -19.12 -2.72
N GLN B 314 6.80 -18.55 -3.90
CA GLN B 314 7.93 -18.88 -4.76
C GLN B 314 8.98 -17.77 -4.69
N PRO B 315 10.29 -18.10 -4.79
CA PRO B 315 11.29 -17.03 -4.69
C PRO B 315 11.15 -16.03 -5.82
N VAL B 316 11.25 -14.74 -5.46
CA VAL B 316 11.14 -13.59 -6.35
C VAL B 316 12.20 -13.63 -7.46
N THR B 317 11.76 -13.39 -8.70
CA THR B 317 12.57 -13.31 -9.91
C THR B 317 12.34 -11.96 -10.52
N LEU B 318 13.43 -11.25 -10.79
CA LEU B 318 13.39 -9.95 -11.45
C LEU B 318 14.44 -9.93 -12.57
N GLY B 319 14.02 -10.40 -13.73
CA GLY B 319 14.87 -10.47 -14.90
C GLY B 319 15.89 -11.57 -14.73
N THR B 320 17.18 -11.23 -14.78
CA THR B 320 18.28 -12.17 -14.62
C THR B 320 18.61 -12.34 -13.14
N LEU B 321 17.98 -11.49 -12.31
CA LEU B 321 18.19 -11.48 -10.88
C LEU B 321 16.99 -12.01 -10.09
N GLY B 322 17.06 -11.84 -8.79
CA GLY B 322 16.04 -12.29 -7.86
C GLY B 322 16.59 -12.35 -6.47
N THR B 323 15.83 -12.94 -5.55
CA THR B 323 16.22 -13.07 -4.16
C THR B 323 17.52 -13.86 -3.96
N ASN B 324 18.24 -13.55 -2.89
CA ASN B 324 19.44 -14.28 -2.56
C ASN B 324 19.00 -15.50 -1.76
N PHE B 325 19.92 -16.45 -1.58
CA PHE B 325 19.68 -17.71 -0.90
C PHE B 325 20.93 -18.17 -0.14
N GLY B 326 20.94 -19.43 0.29
CA GLY B 326 22.04 -20.01 1.01
C GLY B 326 21.84 -20.22 2.50
N ARG B 327 22.89 -20.72 3.14
CA ARG B 327 22.95 -21.02 4.57
C ARG B 327 22.91 -19.79 5.48
N CYS B 328 23.23 -18.59 4.93
CA CYS B 328 23.23 -17.32 5.64
C CYS B 328 21.82 -16.74 5.76
N VAL B 329 20.87 -17.27 4.98
CA VAL B 329 19.47 -16.83 5.02
C VAL B 329 18.75 -17.61 6.14
N ASP B 330 17.96 -16.90 6.96
CA ASP B 330 17.23 -17.48 8.08
C ASP B 330 15.88 -17.98 7.63
N LEU B 331 15.18 -17.15 6.87
CA LEU B 331 13.86 -17.44 6.36
C LEU B 331 13.50 -16.49 5.23
N PHE B 332 12.35 -16.74 4.61
CA PHE B 332 11.81 -15.94 3.51
C PHE B 332 10.58 -15.24 3.99
N ALA B 333 10.16 -14.20 3.26
CA ALA B 333 8.99 -13.38 3.61
C ALA B 333 8.46 -12.70 2.36
N PRO B 334 7.18 -12.24 2.37
CA PRO B 334 6.61 -11.60 1.17
C PRO B 334 7.48 -10.46 0.68
N GLY B 335 7.95 -10.56 -0.56
CA GLY B 335 8.81 -9.56 -1.18
C GLY B 335 8.54 -9.19 -2.62
N GLU B 336 7.33 -9.48 -3.13
CA GLU B 336 6.95 -9.14 -4.50
C GLU B 336 5.52 -8.64 -4.49
N ASP B 337 5.27 -7.51 -5.16
CA ASP B 337 3.95 -6.87 -5.25
C ASP B 337 3.43 -6.55 -3.84
N ILE B 338 4.27 -5.81 -3.09
CA ILE B 338 3.96 -5.41 -1.73
C ILE B 338 3.39 -4.02 -1.73
N ILE B 339 2.13 -3.91 -1.30
CA ILE B 339 1.49 -2.62 -1.22
C ILE B 339 1.98 -1.89 0.05
N GLY B 340 2.23 -0.60 -0.11
CA GLY B 340 2.70 0.24 0.98
C GLY B 340 2.59 1.71 0.66
N ALA B 341 2.96 2.56 1.63
CA ALA B 341 2.97 4.01 1.53
C ALA B 341 3.81 4.55 0.35
N SER B 342 3.19 5.44 -0.44
CA SER B 342 3.84 6.08 -1.58
C SER B 342 4.16 7.51 -1.18
N SER B 343 5.35 7.99 -1.54
CA SER B 343 5.80 9.34 -1.22
C SER B 343 5.25 10.39 -2.22
N ASP B 344 4.38 9.99 -3.18
CA ASP B 344 3.80 10.89 -4.17
C ASP B 344 2.71 11.77 -3.59
N CYS B 345 1.87 11.22 -2.72
CA CYS B 345 0.82 11.94 -2.00
C CYS B 345 0.71 11.34 -0.59
N SER B 346 0.14 12.08 0.37
CA SER B 346 0.07 11.63 1.76
C SER B 346 -0.88 10.44 2.01
N THR B 347 -1.66 9.98 1.01
CA THR B 347 -2.58 8.84 1.12
C THR B 347 -2.40 7.82 -0.02
N CYS B 348 -1.39 8.04 -0.86
CA CYS B 348 -1.08 7.20 -2.00
C CYS B 348 -0.43 5.89 -1.58
N PHE B 349 -0.67 4.87 -2.39
CA PHE B 349 -0.11 3.54 -2.22
C PHE B 349 0.62 3.16 -3.48
N VAL B 350 1.71 2.44 -3.32
CA VAL B 350 2.55 1.95 -4.41
C VAL B 350 2.93 0.51 -4.12
N SER B 351 3.12 -0.26 -5.18
CA SER B 351 3.50 -1.65 -5.07
C SER B 351 4.99 -1.74 -5.39
N GLN B 352 5.77 -2.24 -4.44
CA GLN B 352 7.21 -2.40 -4.59
C GLN B 352 7.62 -3.83 -4.26
N SER B 353 8.79 -4.25 -4.77
CA SER B 353 9.32 -5.60 -4.58
C SER B 353 10.78 -5.58 -4.18
N GLY B 354 11.18 -6.59 -3.41
CA GLY B 354 12.55 -6.73 -2.95
C GLY B 354 12.68 -7.36 -1.59
N THR B 355 13.93 -7.68 -1.24
CA THR B 355 14.28 -8.27 0.05
C THR B 355 14.15 -7.24 1.16
N SER B 356 14.08 -5.94 0.78
CA SER B 356 13.92 -4.80 1.69
C SER B 356 12.49 -4.88 2.24
N GLN B 357 11.50 -5.22 1.36
CA GLN B 357 10.09 -5.38 1.74
C GLN B 357 9.92 -6.64 2.57
N ALA B 358 10.73 -7.69 2.27
CA ALA B 358 10.72 -8.96 2.99
C ALA B 358 11.30 -8.79 4.39
N ALA B 359 12.43 -8.03 4.53
CA ALA B 359 13.07 -7.74 5.81
C ALA B 359 12.17 -6.84 6.68
N ALA B 360 11.43 -5.88 6.07
CA ALA B 360 10.51 -4.98 6.78
C ALA B 360 9.31 -5.75 7.32
N HIS B 361 8.93 -6.84 6.63
CA HIS B 361 7.84 -7.73 7.02
C HIS B 361 8.21 -8.48 8.32
N VAL B 362 9.45 -9.00 8.39
CA VAL B 362 9.99 -9.76 9.53
C VAL B 362 10.23 -8.84 10.72
N ALA B 363 10.64 -7.58 10.48
CA ALA B 363 10.86 -6.57 11.53
C ALA B 363 9.52 -6.20 12.18
N GLY B 364 8.44 -6.26 11.40
CA GLY B 364 7.06 -6.02 11.83
C GLY B 364 6.60 -7.11 12.77
N ILE B 365 6.92 -8.39 12.42
CA ILE B 365 6.60 -9.59 13.20
C ILE B 365 7.37 -9.54 14.52
N ALA B 366 8.67 -9.20 14.48
CA ALA B 366 9.54 -9.08 15.65
C ALA B 366 9.06 -8.00 16.62
N ALA B 367 8.52 -6.87 16.10
CA ALA B 367 8.01 -5.78 16.94
C ALA B 367 6.72 -6.23 17.68
N MET B 368 5.91 -7.08 17.04
CA MET B 368 4.67 -7.61 17.64
C MET B 368 4.99 -8.64 18.71
N MET B 369 6.09 -9.39 18.51
CA MET B 369 6.58 -10.41 19.45
C MET B 369 7.16 -9.72 20.68
N LEU B 370 7.92 -8.63 20.49
CA LEU B 370 8.56 -7.86 21.54
C LEU B 370 7.58 -6.94 22.30
N SER B 371 6.38 -6.72 21.77
CA SER B 371 5.36 -5.91 22.44
C SER B 371 4.67 -6.82 23.46
N ALA B 372 4.38 -8.07 23.07
CA ALA B 372 3.75 -9.07 23.92
C ALA B 372 4.73 -9.61 24.95
N GLU B 373 5.99 -9.89 24.54
CA GLU B 373 7.03 -10.43 25.41
C GLU B 373 8.32 -9.60 25.27
N PRO B 374 8.41 -8.49 26.05
CA PRO B 374 9.59 -7.60 25.95
C PRO B 374 10.94 -8.20 26.39
N GLU B 375 10.95 -9.32 27.15
CA GLU B 375 12.19 -9.92 27.62
C GLU B 375 12.72 -11.06 26.73
N LEU B 376 12.27 -11.12 25.47
CA LEU B 376 12.72 -12.15 24.52
C LEU B 376 14.11 -11.81 24.05
N THR B 377 14.98 -12.82 24.03
CA THR B 377 16.34 -12.63 23.57
C THR B 377 16.31 -12.85 22.05
N LEU B 378 17.43 -12.56 21.39
CA LEU B 378 17.56 -12.74 19.96
C LEU B 378 17.51 -14.24 19.62
N ALA B 379 18.13 -15.09 20.46
CA ALA B 379 18.14 -16.54 20.27
C ALA B 379 16.73 -17.09 20.35
N GLU B 380 15.92 -16.58 21.31
CA GLU B 380 14.52 -16.99 21.50
C GLU B 380 13.63 -16.48 20.38
N LEU B 381 13.91 -15.26 19.88
CA LEU B 381 13.17 -14.62 18.79
C LEU B 381 13.46 -15.29 17.45
N ARG B 382 14.73 -15.69 17.18
CA ARG B 382 15.09 -16.37 15.92
C ARG B 382 14.41 -17.75 15.83
N GLN B 383 14.43 -18.53 16.93
CA GLN B 383 13.81 -19.85 17.04
C GLN B 383 12.30 -19.81 16.81
N ARG B 384 11.63 -18.75 17.28
CA ARG B 384 10.19 -18.56 17.12
C ARG B 384 9.81 -18.21 15.72
N LEU B 385 10.65 -17.40 15.03
CA LEU B 385 10.40 -17.03 13.64
C LEU B 385 10.44 -18.28 12.79
N ILE B 386 11.39 -19.20 13.08
CA ILE B 386 11.57 -20.46 12.38
C ILE B 386 10.41 -21.42 12.69
N HIS B 387 10.01 -21.50 13.97
CA HIS B 387 8.93 -22.34 14.42
C HIS B 387 7.58 -21.91 13.82
N PHE B 388 7.32 -20.58 13.75
CA PHE B 388 6.09 -20.00 13.23
C PHE B 388 5.97 -19.96 11.72
N SER B 389 7.07 -20.16 11.00
CA SER B 389 7.12 -20.15 9.56
C SER B 389 6.34 -21.26 8.88
N ALA B 390 5.92 -21.00 7.63
CA ALA B 390 5.23 -21.97 6.80
C ALA B 390 6.33 -22.90 6.34
N LYS B 391 6.05 -24.21 6.28
CA LYS B 391 7.05 -25.21 5.90
C LYS B 391 6.80 -25.78 4.55
N ASP B 392 7.90 -26.11 3.86
CA ASP B 392 7.96 -26.80 2.57
C ASP B 392 7.07 -26.21 1.44
N VAL B 393 6.77 -24.90 1.49
CA VAL B 393 5.91 -24.25 0.49
C VAL B 393 6.67 -23.67 -0.74
N ILE B 394 8.00 -23.69 -0.69
CA ILE B 394 8.84 -23.18 -1.77
C ILE B 394 9.33 -24.34 -2.62
N ASN B 395 9.17 -24.21 -3.95
CA ASN B 395 9.71 -25.23 -4.85
C ASN B 395 11.17 -24.83 -4.94
N GLU B 396 12.05 -25.70 -4.46
CA GLU B 396 13.50 -25.46 -4.43
C GLU B 396 14.19 -25.49 -5.79
N ALA B 397 13.52 -25.99 -6.83
CA ALA B 397 14.07 -26.06 -8.19
C ALA B 397 14.53 -24.70 -8.74
N TRP B 398 14.01 -23.59 -8.14
CA TRP B 398 14.35 -22.22 -8.52
C TRP B 398 15.77 -21.90 -8.12
N PHE B 399 16.21 -22.49 -6.98
CA PHE B 399 17.56 -22.33 -6.44
C PHE B 399 18.54 -23.23 -7.14
N PRO B 400 19.84 -22.85 -7.20
CA PRO B 400 20.82 -23.75 -7.85
C PRO B 400 20.87 -25.04 -7.06
N GLU B 401 21.22 -26.17 -7.71
CA GLU B 401 21.30 -27.51 -7.12
C GLU B 401 22.14 -27.61 -5.83
N ASP B 402 23.34 -27.00 -5.81
CA ASP B 402 24.24 -27.03 -4.65
C ASP B 402 23.76 -26.18 -3.46
N GLN B 403 22.73 -25.34 -3.68
CA GLN B 403 22.16 -24.43 -2.69
C GLN B 403 20.80 -24.87 -2.15
N ARG B 404 20.21 -25.94 -2.71
CA ARG B 404 18.90 -26.44 -2.31
C ARG B 404 18.85 -26.99 -0.88
N VAL B 405 19.92 -27.65 -0.43
CA VAL B 405 20.00 -28.22 0.91
C VAL B 405 20.33 -27.17 1.98
N LEU B 406 21.10 -26.14 1.57
CA LEU B 406 21.56 -25.01 2.39
C LEU B 406 20.45 -23.99 2.62
N THR B 407 19.60 -23.75 1.63
CA THR B 407 18.52 -22.75 1.71
C THR B 407 17.32 -23.22 2.54
N PRO B 408 16.95 -22.46 3.61
CA PRO B 408 15.80 -22.87 4.42
C PRO B 408 14.49 -22.70 3.66
N ASN B 409 13.59 -23.69 3.78
CA ASN B 409 12.30 -23.64 3.10
C ASN B 409 11.29 -23.12 4.13
N LEU B 410 11.47 -21.85 4.53
CA LEU B 410 10.65 -21.18 5.52
C LEU B 410 10.12 -19.88 5.00
N VAL B 411 8.82 -19.67 5.14
CA VAL B 411 8.16 -18.41 4.76
C VAL B 411 7.55 -17.84 6.05
N ALA B 412 7.94 -16.62 6.45
CA ALA B 412 7.49 -15.92 7.65
C ALA B 412 5.98 -15.88 7.81
N ALA B 413 5.55 -16.10 9.07
CA ALA B 413 4.16 -16.10 9.48
C ALA B 413 4.07 -15.75 10.96
N LEU B 414 2.89 -15.30 11.36
CA LEU B 414 2.55 -14.97 12.73
C LEU B 414 1.20 -15.64 12.99
N PRO B 415 1.23 -16.90 13.48
CA PRO B 415 -0.02 -17.63 13.73
C PRO B 415 -0.72 -17.26 15.04
N PRO B 416 -1.99 -17.70 15.24
CA PRO B 416 -2.70 -17.35 16.49
C PRO B 416 -1.84 -17.82 17.65
N SER B 417 -1.68 -16.94 18.67
CA SER B 417 -0.89 -17.09 19.89
C SER B 417 -0.98 -18.45 20.64
N THR B 418 -2.19 -18.86 21.14
CA THR B 418 -2.43 -20.10 21.90
C THR B 418 -1.58 -20.11 23.23
N GLY B 422 3.30 -24.76 27.58
CA GLY B 422 4.39 -24.07 28.26
C GLY B 422 5.70 -24.17 27.52
N TRP B 423 6.76 -24.63 28.22
CA TRP B 423 8.09 -24.80 27.63
C TRP B 423 8.10 -25.98 26.66
N GLN B 424 8.60 -25.73 25.44
CA GLN B 424 8.72 -26.72 24.40
C GLN B 424 10.13 -26.64 23.81
N LEU B 425 10.60 -27.76 23.23
CA LEU B 425 11.92 -27.85 22.63
C LEU B 425 11.94 -27.32 21.21
N PHE B 426 12.78 -26.29 20.98
CA PHE B 426 12.97 -25.65 19.68
C PHE B 426 14.37 -25.86 19.20
N CYS B 427 14.47 -26.49 18.03
CA CYS B 427 15.74 -26.80 17.38
C CYS B 427 15.78 -26.27 15.98
N ARG B 428 16.99 -26.00 15.49
CA ARG B 428 17.22 -25.53 14.13
C ARG B 428 18.55 -26.07 13.64
N THR B 429 18.73 -26.10 12.33
CA THR B 429 19.94 -26.59 11.68
C THR B 429 20.78 -25.43 11.18
N VAL B 430 22.09 -25.49 11.45
CA VAL B 430 23.06 -24.53 10.97
C VAL B 430 24.06 -25.31 10.08
N TRP B 431 24.48 -24.68 8.97
CA TRP B 431 25.44 -25.29 8.05
C TRP B 431 26.71 -24.50 8.07
N SER B 432 27.83 -25.21 8.06
CA SER B 432 29.14 -24.58 8.04
C SER B 432 29.44 -24.23 6.59
N ALA B 433 30.58 -23.55 6.37
CA ALA B 433 31.03 -23.20 5.03
C ALA B 433 31.66 -24.49 4.50
N HIS B 434 31.83 -24.59 3.17
CA HIS B 434 32.44 -25.74 2.54
C HIS B 434 33.93 -25.73 2.96
N SER B 435 34.47 -26.89 3.40
CA SER B 435 35.85 -27.04 3.88
C SER B 435 36.96 -26.78 2.83
N GLY B 436 36.79 -27.29 1.62
CA GLY B 436 37.81 -27.14 0.59
C GLY B 436 38.43 -28.45 0.16
N PRO B 437 39.16 -28.45 -1.00
CA PRO B 437 39.74 -29.69 -1.54
C PRO B 437 40.93 -30.29 -0.77
N THR B 438 41.42 -29.63 0.29
CA THR B 438 42.54 -30.13 1.08
C THR B 438 42.13 -31.45 1.77
N ARG B 439 43.03 -32.47 1.73
CA ARG B 439 42.79 -33.78 2.35
C ARG B 439 42.67 -33.70 3.87
N MET B 440 43.30 -32.66 4.49
CA MET B 440 43.26 -32.41 5.93
C MET B 440 42.39 -31.18 6.27
N ALA B 441 41.50 -30.75 5.33
CA ALA B 441 40.59 -29.62 5.54
C ALA B 441 39.55 -29.97 6.58
N THR B 442 39.05 -28.94 7.28
CA THR B 442 38.07 -29.08 8.35
C THR B 442 36.94 -28.06 8.25
N ALA B 443 35.70 -28.55 8.30
CA ALA B 443 34.50 -27.72 8.30
C ALA B 443 34.07 -27.70 9.76
N ILE B 444 33.77 -26.50 10.31
CA ILE B 444 33.35 -26.31 11.69
C ILE B 444 32.00 -25.60 11.74
N ALA B 445 31.05 -26.19 12.46
CA ALA B 445 29.73 -25.60 12.65
C ALA B 445 29.51 -25.33 14.12
N ARG B 446 29.23 -24.07 14.46
CA ARG B 446 28.97 -23.61 15.83
C ARG B 446 27.53 -23.20 15.91
N CYS B 447 27.03 -23.09 17.13
CA CYS B 447 25.67 -22.64 17.37
C CYS B 447 25.76 -21.20 17.81
N ALA B 448 24.64 -20.51 17.81
CA ALA B 448 24.55 -19.12 18.23
C ALA B 448 24.63 -19.01 19.76
N PRO B 449 25.09 -17.85 20.30
CA PRO B 449 25.14 -17.72 21.79
C PRO B 449 23.72 -17.84 22.33
N ASP B 450 23.55 -18.49 23.50
CA ASP B 450 22.29 -18.79 24.20
C ASP B 450 21.62 -20.08 23.66
N GLU B 451 22.30 -20.74 22.72
CA GLU B 451 21.84 -21.97 22.10
C GLU B 451 22.78 -23.10 22.47
N GLU B 452 22.27 -24.32 22.40
CA GLU B 452 22.98 -25.54 22.70
C GLU B 452 23.12 -26.42 21.46
N LEU B 453 24.31 -27.00 21.27
CA LEU B 453 24.56 -27.89 20.15
C LEU B 453 24.20 -29.28 20.67
N LEU B 454 23.20 -29.94 20.05
CA LEU B 454 22.75 -31.26 20.49
C LEU B 454 23.28 -32.41 19.62
N SER B 455 23.61 -32.12 18.36
CA SER B 455 24.14 -33.12 17.43
C SER B 455 24.99 -32.48 16.35
N CYS B 456 25.73 -33.33 15.66
CA CYS B 456 26.66 -32.99 14.61
C CYS B 456 26.57 -34.06 13.53
N SER B 457 26.51 -33.63 12.30
CA SER B 457 26.48 -34.49 11.13
C SER B 457 27.35 -33.87 10.05
N SER B 458 27.59 -34.60 8.97
CA SER B 458 28.42 -34.13 7.87
C SER B 458 27.82 -34.54 6.54
N PHE B 459 28.26 -33.87 5.46
CA PHE B 459 27.78 -34.16 4.12
C PHE B 459 28.83 -33.82 3.07
N SER B 460 28.93 -34.67 2.04
CA SER B 460 29.83 -34.51 0.91
C SER B 460 29.06 -34.91 -0.34
N ARG B 461 29.11 -34.08 -1.40
CA ARG B 461 28.41 -34.34 -2.66
C ARG B 461 28.94 -35.59 -3.39
N SER B 462 30.20 -35.98 -3.13
CA SER B 462 30.84 -37.14 -3.76
C SER B 462 30.81 -38.38 -2.84
N GLY B 463 30.68 -38.13 -1.53
CA GLY B 463 30.62 -39.16 -0.50
C GLY B 463 31.98 -39.51 0.08
N LYS B 464 33.06 -38.89 -0.45
CA LYS B 464 34.43 -39.10 0.00
C LYS B 464 34.66 -38.24 1.26
N ARG B 465 34.36 -38.83 2.42
CA ARG B 465 34.49 -38.18 3.72
C ARG B 465 34.97 -39.11 4.81
N ARG B 466 35.37 -38.54 5.95
CA ARG B 466 35.84 -39.32 7.09
C ARG B 466 35.03 -39.09 8.37
N GLY B 467 33.74 -38.79 8.18
CA GLY B 467 32.79 -38.52 9.26
C GLY B 467 32.94 -37.19 9.95
N GLU B 468 32.41 -37.11 11.17
CA GLU B 468 32.38 -35.93 12.03
C GLU B 468 32.62 -36.26 13.49
N ARG B 469 32.80 -35.22 14.30
CA ARG B 469 33.03 -35.34 15.73
C ARG B 469 32.59 -34.08 16.46
N MET B 470 32.25 -34.25 17.74
CA MET B 470 31.86 -33.17 18.62
C MET B 470 33.00 -33.02 19.59
N GLU B 471 33.34 -31.77 19.89
CA GLU B 471 34.42 -31.47 20.81
C GLU B 471 34.13 -30.22 21.62
N ALA B 472 34.64 -30.18 22.85
CA ALA B 472 34.47 -29.03 23.73
C ALA B 472 35.43 -27.93 23.30
N GLN B 473 34.90 -26.73 23.07
CA GLN B 473 35.65 -25.56 22.64
C GLN B 473 34.97 -24.32 23.19
N GLY B 474 35.63 -23.69 24.16
CA GLY B 474 35.16 -22.49 24.84
C GLY B 474 33.99 -22.74 25.78
N GLY B 475 33.92 -23.97 26.29
CA GLY B 475 32.86 -24.41 27.21
C GLY B 475 31.56 -24.80 26.54
N LYS B 476 31.60 -25.06 25.23
CA LYS B 476 30.45 -25.47 24.43
C LYS B 476 30.90 -26.43 23.34
N LEU B 477 29.97 -27.28 22.89
CA LEU B 477 30.25 -28.26 21.86
C LEU B 477 30.17 -27.66 20.49
N VAL B 478 31.09 -28.09 19.62
CA VAL B 478 31.18 -27.64 18.23
C VAL B 478 31.12 -28.87 17.34
N CYS B 479 30.63 -28.69 16.11
CA CYS B 479 30.52 -29.76 15.15
C CYS B 479 31.71 -29.65 14.21
N ARG B 480 32.50 -30.71 14.09
CA ARG B 480 33.67 -30.71 13.23
C ARG B 480 33.64 -31.88 12.26
N ALA B 481 33.62 -31.56 10.97
CA ALA B 481 33.60 -32.56 9.92
C ALA B 481 34.99 -32.75 9.32
N HIS B 482 35.26 -33.97 8.83
CA HIS B 482 36.56 -34.34 8.24
C HIS B 482 36.46 -34.72 6.79
N ASN B 483 37.39 -34.18 5.98
CA ASN B 483 37.44 -34.49 4.56
C ASN B 483 38.37 -35.70 4.35
N ALA B 484 38.09 -36.50 3.32
CA ALA B 484 38.90 -37.67 2.98
C ALA B 484 39.98 -37.25 1.97
N PHE B 485 40.98 -38.14 1.75
CA PHE B 485 42.06 -37.92 0.81
C PHE B 485 41.46 -38.05 -0.60
N GLY B 486 41.48 -36.95 -1.34
CA GLY B 486 40.93 -36.88 -2.70
C GLY B 486 39.48 -36.44 -2.77
N GLY B 487 38.99 -35.89 -1.66
CA GLY B 487 37.64 -35.37 -1.52
C GLY B 487 37.62 -33.88 -1.81
N GLU B 488 36.52 -33.39 -2.44
CA GLU B 488 36.33 -31.96 -2.78
C GLU B 488 36.08 -31.06 -1.56
N GLY B 489 35.69 -31.68 -0.45
CA GLY B 489 35.38 -30.98 0.77
C GLY B 489 34.04 -31.39 1.34
N VAL B 490 33.88 -31.10 2.63
CA VAL B 490 32.67 -31.44 3.39
C VAL B 490 32.01 -30.25 4.07
N TYR B 491 30.77 -30.46 4.54
CA TYR B 491 29.98 -29.50 5.30
C TYR B 491 29.83 -30.09 6.68
N ALA B 492 29.91 -29.26 7.71
CA ALA B 492 29.71 -29.65 9.10
C ALA B 492 28.31 -29.11 9.35
N ILE B 493 27.41 -30.00 9.79
CA ILE B 493 26.02 -29.68 10.02
C ILE B 493 25.68 -29.85 11.50
N ALA B 494 25.32 -28.74 12.16
CA ALA B 494 24.97 -28.75 13.58
C ALA B 494 23.47 -28.58 13.83
N ARG B 495 23.03 -29.09 14.98
CA ARG B 495 21.65 -28.98 15.43
C ARG B 495 21.69 -28.08 16.66
N CYS B 496 21.17 -26.85 16.50
CA CYS B 496 21.13 -25.79 17.49
C CYS B 496 19.78 -25.65 18.14
N CYS B 497 19.76 -25.86 19.46
CA CYS B 497 18.54 -25.85 20.25
C CYS B 497 18.55 -24.90 21.43
N LEU B 498 17.35 -24.55 21.93
CA LEU B 498 17.18 -23.71 23.11
C LEU B 498 16.86 -24.70 24.23
N LEU B 499 17.88 -25.03 25.02
CA LEU B 499 17.80 -25.95 26.14
C LEU B 499 18.69 -25.29 27.19
N PRO B 500 18.14 -24.37 28.02
CA PRO B 500 18.97 -23.67 29.02
C PRO B 500 19.61 -24.53 30.13
N GLN B 501 20.90 -24.20 30.39
CA GLN B 501 21.76 -24.81 31.40
C GLN B 501 21.87 -26.35 31.20
N ALA B 502 21.84 -26.81 29.92
CA ALA B 502 21.92 -28.23 29.57
C ALA B 502 23.31 -28.76 29.81
N ASN B 503 24.33 -27.90 29.63
CA ASN B 503 25.76 -28.22 29.81
C ASN B 503 26.10 -29.53 29.10
N CYS B 504 25.83 -29.59 27.79
CA CYS B 504 26.08 -30.78 26.97
C CYS B 504 27.55 -31.16 26.94
N SER B 505 27.81 -32.45 27.12
CA SER B 505 29.15 -33.01 27.12
C SER B 505 29.25 -34.10 26.07
N VAL B 506 30.46 -34.28 25.54
CA VAL B 506 30.78 -35.29 24.54
C VAL B 506 31.38 -36.53 25.23
N HIS B 507 30.89 -37.72 24.86
CA HIS B 507 31.37 -38.98 25.41
C HIS B 507 31.84 -39.86 24.28
N THR B 508 33.17 -40.01 24.19
CA THR B 508 33.86 -40.75 23.14
C THR B 508 34.38 -42.13 23.51
N ALA B 509 34.14 -43.09 22.62
CA ALA B 509 34.63 -44.45 22.74
C ALA B 509 35.61 -44.64 21.58
N PRO B 510 36.87 -45.07 21.85
CA PRO B 510 37.85 -45.26 20.76
C PRO B 510 37.48 -46.48 19.90
N PRO B 511 37.98 -46.61 18.66
CA PRO B 511 37.60 -47.78 17.84
C PRO B 511 38.04 -49.09 18.51
N ALA B 512 37.05 -49.90 18.97
CA ALA B 512 37.27 -51.18 19.66
C ALA B 512 37.80 -52.26 18.72
N GLU B 513 37.47 -52.18 17.41
CA GLU B 513 37.88 -53.10 16.33
C GLU B 513 37.47 -54.56 16.62
N ALA B 514 36.25 -54.72 17.16
CA ALA B 514 35.66 -56.01 17.49
C ALA B 514 34.25 -56.07 16.87
N SER B 515 33.55 -57.19 17.04
CA SER B 515 32.21 -57.40 16.50
C SER B 515 31.14 -56.55 17.25
N GLY B 517 30.04 -53.51 17.67
CA GLY B 517 31.15 -52.68 17.20
C GLY B 517 31.62 -51.70 18.26
N THR B 518 31.60 -50.39 17.92
CA THR B 518 32.00 -49.30 18.82
C THR B 518 30.72 -48.77 19.48
N ARG B 519 30.69 -48.84 20.83
CA ARG B 519 29.54 -48.44 21.64
C ARG B 519 29.85 -47.43 22.75
N VAL B 520 28.90 -46.53 22.99
CA VAL B 520 28.93 -45.49 24.02
C VAL B 520 27.50 -45.08 24.40
N HIS B 521 27.29 -44.71 25.67
CA HIS B 521 25.98 -44.31 26.16
C HIS B 521 26.09 -43.13 27.17
N CYS B 522 24.93 -42.54 27.54
CA CYS B 522 24.85 -41.46 28.51
C CYS B 522 24.52 -42.14 29.83
N HIS B 523 25.37 -41.94 30.83
CA HIS B 523 25.21 -42.60 32.13
C HIS B 523 24.86 -41.66 33.29
N GLN B 524 25.13 -40.34 33.17
CA GLN B 524 24.86 -39.38 34.23
C GLN B 524 23.39 -39.23 34.59
N GLN B 525 23.14 -38.75 35.81
CA GLN B 525 21.83 -38.50 36.35
C GLN B 525 21.22 -37.27 35.66
N GLY B 526 19.99 -37.45 35.15
CA GLY B 526 19.21 -36.44 34.45
C GLY B 526 19.72 -36.08 33.07
N HIS B 527 20.56 -36.96 32.48
CA HIS B 527 21.13 -36.79 31.14
C HIS B 527 20.41 -37.62 30.10
N VAL B 528 20.28 -37.05 28.90
CA VAL B 528 19.63 -37.69 27.76
C VAL B 528 20.58 -37.70 26.55
N LEU B 529 20.40 -38.66 25.65
CA LEU B 529 21.22 -38.74 24.45
C LEU B 529 20.54 -37.91 23.37
N THR B 530 21.24 -36.90 22.84
CA THR B 530 20.67 -36.00 21.84
C THR B 530 21.25 -36.20 20.43
N GLY B 531 22.45 -36.75 20.34
CA GLY B 531 23.11 -36.99 19.06
C GLY B 531 24.23 -38.00 19.09
N CYS B 532 24.44 -38.66 17.94
CA CYS B 532 25.48 -39.66 17.71
C CYS B 532 26.37 -39.20 16.57
N SER B 533 27.66 -39.10 16.82
CA SER B 533 28.63 -38.69 15.79
C SER B 533 29.69 -39.78 15.66
N SER B 534 30.31 -39.89 14.50
CA SER B 534 31.34 -40.89 14.25
C SER B 534 32.30 -40.43 13.18
N HIS B 535 33.60 -40.65 13.42
CA HIS B 535 34.68 -40.32 12.51
C HIS B 535 35.70 -41.45 12.51
N TRP B 536 36.43 -41.58 11.42
CA TRP B 536 37.45 -42.60 11.27
C TRP B 536 38.68 -42.02 10.60
N GLU B 537 39.86 -42.43 11.09
CA GLU B 537 41.16 -41.99 10.59
C GLU B 537 41.64 -42.76 9.38
N VAL B 538 41.04 -43.94 9.13
CA VAL B 538 41.36 -44.80 7.99
C VAL B 538 40.80 -44.17 6.68
N GLU B 539 41.47 -44.43 5.54
CA GLU B 539 41.05 -43.88 4.23
C GLU B 539 39.79 -44.60 3.75
N ASP B 540 39.80 -45.94 3.77
CA ASP B 540 38.67 -46.77 3.35
C ASP B 540 38.34 -47.80 4.44
N LEU B 541 37.12 -47.72 4.99
CA LEU B 541 36.64 -48.64 6.02
C LEU B 541 36.34 -50.03 5.41
N GLY B 542 36.35 -51.06 6.26
CA GLY B 542 36.10 -52.44 5.85
C GLY B 542 35.01 -53.11 6.66
N GLN B 554 20.56 -52.03 23.26
CA GLN B 554 20.10 -51.17 24.36
C GLN B 554 19.81 -49.72 23.97
N PRO B 555 18.74 -49.07 24.53
CA PRO B 555 18.43 -47.67 24.16
C PRO B 555 19.44 -46.73 24.83
N ASN B 556 19.35 -45.40 24.57
CA ASN B 556 20.22 -44.34 25.11
C ASN B 556 21.69 -44.62 24.74
N GLN B 557 21.91 -45.20 23.56
CA GLN B 557 23.22 -45.62 23.09
C GLN B 557 23.54 -45.28 21.64
N CYS B 558 24.82 -44.93 21.39
CA CYS B 558 25.38 -44.64 20.08
C CYS B 558 26.18 -45.86 19.63
N VAL B 559 25.96 -46.28 18.38
CA VAL B 559 26.62 -47.43 17.78
C VAL B 559 27.33 -46.98 16.51
N GLY B 560 28.62 -47.29 16.41
CA GLY B 560 29.43 -46.95 15.26
C GLY B 560 30.17 -48.13 14.68
N HIS B 561 30.94 -47.89 13.61
CA HIS B 561 31.74 -48.90 12.94
C HIS B 561 32.93 -49.22 13.87
N ARG B 562 33.40 -50.48 13.86
CA ARG B 562 34.52 -50.97 14.67
C ARG B 562 35.84 -50.22 14.43
N GLU B 563 36.06 -49.70 13.22
CA GLU B 563 37.26 -48.95 12.85
C GLU B 563 37.09 -47.45 13.10
N ALA B 564 35.87 -47.04 13.47
CA ALA B 564 35.54 -45.64 13.74
C ALA B 564 35.38 -45.35 15.22
N SER B 565 35.63 -44.10 15.59
CA SER B 565 35.47 -43.61 16.95
C SER B 565 34.06 -43.01 17.05
N ILE B 566 33.25 -43.50 18.00
CA ILE B 566 31.88 -43.05 18.24
C ILE B 566 31.83 -41.91 19.30
N HIS B 567 30.90 -40.97 19.11
CA HIS B 567 30.69 -39.81 19.96
C HIS B 567 29.23 -39.67 20.34
N ALA B 568 28.99 -39.34 21.61
CA ALA B 568 27.64 -39.17 22.15
C ALA B 568 27.50 -37.82 22.81
N SER B 569 26.40 -37.13 22.51
CA SER B 569 26.09 -35.85 23.12
C SER B 569 25.12 -36.15 24.24
N CYS B 570 25.56 -35.89 25.47
CA CYS B 570 24.79 -36.12 26.70
C CYS B 570 24.48 -34.79 27.35
N CYS B 571 23.19 -34.43 27.29
CA CYS B 571 22.68 -33.18 27.82
C CYS B 571 21.84 -33.34 29.07
N HIS B 572 22.15 -32.53 30.10
CA HIS B 572 21.40 -32.55 31.34
C HIS B 572 20.06 -31.84 31.12
N ALA B 573 19.00 -32.64 30.99
CA ALA B 573 17.65 -32.15 30.77
C ALA B 573 16.61 -33.12 31.36
N PRO B 574 16.29 -32.98 32.67
CA PRO B 574 15.32 -33.88 33.31
C PRO B 574 13.88 -33.76 32.76
N GLY B 575 13.57 -32.62 32.14
CA GLY B 575 12.26 -32.33 31.54
C GLY B 575 12.05 -32.93 30.15
N LEU B 576 13.12 -33.47 29.55
CA LEU B 576 13.05 -34.09 28.22
C LEU B 576 13.00 -35.59 28.27
N GLU B 577 12.22 -36.14 27.35
CA GLU B 577 12.12 -37.56 27.12
C GLU B 577 12.52 -37.70 25.66
N CYS B 578 13.42 -38.64 25.38
CA CYS B 578 13.94 -38.87 24.05
C CYS B 578 13.75 -40.30 23.60
N LYS B 579 13.61 -40.48 22.30
CA LYS B 579 13.46 -41.79 21.68
C LYS B 579 14.19 -41.81 20.33
N VAL B 580 14.46 -43.02 19.84
CA VAL B 580 15.13 -43.25 18.58
C VAL B 580 14.10 -43.82 17.61
N LYS B 581 14.08 -43.28 16.40
CA LYS B 581 13.19 -43.70 15.34
C LYS B 581 14.04 -44.01 14.11
N GLU B 582 13.85 -45.19 13.53
CA GLU B 582 14.61 -45.64 12.36
C GLU B 582 13.73 -46.05 11.19
N HIS B 583 14.33 -46.02 9.99
CA HIS B 583 13.73 -46.45 8.74
C HIS B 583 14.85 -46.83 7.82
N GLY B 584 14.79 -48.05 7.30
CA GLY B 584 15.78 -48.62 6.40
C GLY B 584 15.21 -49.04 5.06
N ILE B 585 16.01 -48.78 4.01
CA ILE B 585 15.68 -49.13 2.62
C ILE B 585 16.82 -50.00 2.04
N PRO B 586 16.50 -51.23 1.52
CA PRO B 586 17.55 -52.11 0.96
C PRO B 586 18.28 -51.54 -0.26
N ALA B 587 17.56 -51.10 -1.31
CA ALA B 587 18.19 -50.54 -2.51
C ALA B 587 17.75 -49.06 -2.63
N PRO B 588 18.33 -48.10 -1.86
CA PRO B 588 17.84 -46.71 -1.96
C PRO B 588 18.17 -45.99 -3.26
N GLN B 589 17.17 -45.26 -3.80
CA GLN B 589 17.33 -44.50 -5.05
C GLN B 589 18.34 -43.38 -4.82
N GLU B 590 17.99 -42.39 -3.98
CA GLU B 590 18.86 -41.24 -3.70
C GLU B 590 18.92 -40.88 -2.22
N GLN B 591 17.85 -41.15 -1.47
CA GLN B 591 17.79 -40.82 -0.05
C GLN B 591 16.93 -41.74 0.78
N VAL B 592 17.24 -41.78 2.09
CA VAL B 592 16.53 -42.54 3.09
C VAL B 592 16.02 -41.50 4.10
N THR B 593 14.72 -41.55 4.37
CA THR B 593 14.03 -40.60 5.23
C THR B 593 13.26 -41.19 6.42
N VAL B 594 13.38 -40.54 7.56
CA VAL B 594 12.66 -40.86 8.78
C VAL B 594 12.32 -39.56 9.48
N ALA B 595 11.07 -39.37 9.87
CA ALA B 595 10.66 -38.14 10.55
C ALA B 595 10.13 -38.40 11.94
N CYS B 596 10.32 -37.41 12.85
CA CYS B 596 9.82 -37.49 14.22
C CYS B 596 8.31 -37.35 14.18
N GLU B 597 7.64 -37.92 15.16
CA GLU B 597 6.18 -37.84 15.23
C GLU B 597 5.76 -36.45 15.68
N GLU B 598 4.44 -36.20 15.64
CA GLU B 598 3.84 -34.94 16.05
C GLU B 598 4.09 -34.63 17.54
N GLY B 599 4.58 -33.42 17.80
CA GLY B 599 4.90 -32.96 19.14
C GLY B 599 6.34 -33.22 19.52
N TRP B 600 7.05 -34.03 18.70
CA TRP B 600 8.46 -34.37 18.93
C TRP B 600 9.37 -33.44 18.13
N THR B 601 10.55 -33.16 18.67
CA THR B 601 11.56 -32.32 18.06
C THR B 601 12.79 -33.15 17.73
N LEU B 602 13.23 -33.08 16.47
CA LEU B 602 14.41 -33.79 16.00
C LEU B 602 15.64 -33.08 16.56
N THR B 603 16.50 -33.85 17.23
CA THR B 603 17.72 -33.35 17.84
C THR B 603 18.96 -33.92 17.16
N GLY B 604 18.83 -35.12 16.58
CA GLY B 604 19.94 -35.79 15.91
C GLY B 604 19.55 -36.60 14.70
N CYS B 605 20.37 -36.51 13.66
CA CYS B 605 20.20 -37.23 12.40
C CYS B 605 21.51 -37.90 12.01
N SER B 606 21.47 -39.21 11.84
CA SER B 606 22.63 -39.99 11.46
C SER B 606 22.20 -41.21 10.63
N ALA B 607 23.19 -41.97 10.18
CA ALA B 607 22.99 -43.19 9.40
C ALA B 607 23.69 -44.32 10.11
N LEU B 608 23.18 -45.54 9.97
CA LEU B 608 23.82 -46.70 10.60
C LEU B 608 25.10 -47.08 9.86
N PRO B 609 26.17 -47.50 10.59
CA PRO B 609 27.42 -47.87 9.90
C PRO B 609 27.30 -49.24 9.20
N GLY B 610 28.41 -49.69 8.60
CA GLY B 610 28.50 -50.96 7.87
C GLY B 610 27.68 -50.91 6.59
N THR B 611 27.59 -49.69 6.04
CA THR B 611 26.85 -49.36 4.83
C THR B 611 27.83 -49.11 3.66
N SER B 612 27.35 -49.41 2.44
CA SER B 612 28.08 -49.28 1.18
C SER B 612 28.51 -47.86 0.82
N HIS B 613 27.56 -46.99 0.44
CA HIS B 613 27.86 -45.63 0.02
C HIS B 613 26.88 -44.59 0.56
N VAL B 614 27.30 -43.86 1.61
CA VAL B 614 26.51 -42.81 2.23
C VAL B 614 27.24 -41.49 2.02
N LEU B 615 26.54 -40.53 1.40
CA LEU B 615 27.06 -39.18 1.11
C LEU B 615 27.11 -38.36 2.39
N GLY B 616 26.10 -38.54 3.22
CA GLY B 616 25.96 -37.86 4.50
C GLY B 616 24.55 -37.82 5.03
N ALA B 617 24.37 -37.15 6.16
CA ALA B 617 23.08 -37.00 6.82
C ALA B 617 22.88 -35.57 7.29
N TYR B 618 21.63 -35.11 7.27
CA TYR B 618 21.25 -33.77 7.71
C TYR B 618 19.78 -33.77 8.07
N ALA B 619 19.43 -32.90 9.02
CA ALA B 619 18.05 -32.74 9.47
C ALA B 619 17.39 -31.57 8.74
N VAL B 620 16.21 -31.83 8.17
CA VAL B 620 15.38 -30.83 7.48
C VAL B 620 14.11 -30.78 8.35
N ASP B 621 13.99 -29.74 9.20
CA ASP B 621 12.89 -29.55 10.15
C ASP B 621 12.91 -30.77 11.13
N ASN B 622 11.89 -31.64 11.13
CA ASN B 622 11.86 -32.82 12.00
C ASN B 622 12.08 -34.15 11.26
N THR B 623 12.67 -34.08 10.06
CA THR B 623 12.96 -35.23 9.22
C THR B 623 14.48 -35.45 9.11
N CYS B 624 14.90 -36.69 9.34
CA CYS B 624 16.29 -37.09 9.22
C CYS B 624 16.44 -37.55 7.78
N VAL B 625 17.37 -36.91 7.05
CA VAL B 625 17.63 -37.21 5.64
C VAL B 625 19.01 -37.81 5.51
N VAL B 626 19.08 -39.05 5.00
CA VAL B 626 20.34 -39.74 4.77
C VAL B 626 20.50 -39.85 3.26
N ARG B 627 21.58 -39.26 2.73
CA ARG B 627 21.89 -39.28 1.30
C ARG B 627 22.72 -40.47 0.90
N SER B 628 22.27 -41.20 -0.12
CA SER B 628 22.95 -42.39 -0.62
C SER B 628 23.28 -42.28 -2.12
N ARG B 629 24.08 -43.23 -2.65
CA ARG B 629 24.47 -43.29 -4.06
C ARG B 629 24.03 -44.62 -4.66
N GLU B 640 23.16 -54.65 2.60
CA GLU B 640 22.42 -54.24 3.79
C GLU B 640 21.60 -52.98 3.49
N ALA B 641 20.46 -52.82 4.21
CA ALA B 641 19.57 -51.67 4.08
C ALA B 641 20.18 -50.41 4.66
N VAL B 642 20.13 -49.30 3.88
CA VAL B 642 20.65 -48.00 4.32
C VAL B 642 19.58 -47.45 5.26
N THR B 643 19.95 -47.22 6.52
CA THR B 643 19.05 -46.78 7.57
C THR B 643 19.30 -45.35 8.04
N ALA B 644 18.20 -44.57 8.15
CA ALA B 644 18.20 -43.20 8.66
C ALA B 644 17.78 -43.32 10.13
N VAL B 645 18.61 -42.79 11.03
CA VAL B 645 18.39 -42.84 12.49
C VAL B 645 18.09 -41.45 13.04
N ALA B 646 16.89 -41.27 13.59
CA ALA B 646 16.45 -40.00 14.16
C ALA B 646 16.29 -40.08 15.66
N ILE B 647 16.89 -39.13 16.38
CA ILE B 647 16.76 -39.00 17.83
C ILE B 647 15.73 -37.89 17.99
N CYS B 648 14.55 -38.25 18.54
CA CYS B 648 13.44 -37.36 18.76
C CYS B 648 13.23 -37.09 20.23
N CYS B 649 13.28 -35.80 20.62
CA CYS B 649 13.08 -35.36 22.01
C CYS B 649 11.89 -34.44 22.09
N ARG B 650 11.30 -34.37 23.29
CA ARG B 650 10.18 -33.49 23.59
C ARG B 650 10.12 -33.27 25.09
N SER B 651 9.40 -32.23 25.50
CA SER B 651 9.21 -31.94 26.91
C SER B 651 8.17 -32.93 27.44
N ARG B 652 8.29 -33.34 28.71
CA ARG B 652 7.37 -34.29 29.34
C ARG B 652 5.91 -33.78 29.43
N HIS B 653 5.71 -32.44 29.39
CA HIS B 653 4.40 -31.78 29.45
C HIS B 653 4.02 -31.16 28.11
N GLU C 1 -15.89 31.21 12.19
CA GLU C 1 -16.39 30.34 11.13
C GLU C 1 -15.59 30.49 9.85
N VAL C 2 -15.53 29.41 9.07
CA VAL C 2 -14.82 29.41 7.80
C VAL C 2 -15.80 29.70 6.67
N GLN C 3 -15.55 30.80 5.93
CA GLN C 3 -16.35 31.22 4.79
C GLN C 3 -15.46 31.30 3.55
N LEU C 4 -16.03 30.99 2.39
CA LEU C 4 -15.36 31.06 1.10
C LEU C 4 -16.31 31.84 0.20
N LEU C 5 -15.97 33.11 -0.05
CA LEU C 5 -16.77 34.01 -0.86
C LEU C 5 -16.24 34.08 -2.28
N GLU C 6 -17.06 33.62 -3.22
CA GLU C 6 -16.68 33.65 -4.63
C GLU C 6 -17.26 34.88 -5.29
N SER C 7 -16.67 35.26 -6.43
CA SER C 7 -17.09 36.41 -7.22
C SER C 7 -16.54 36.28 -8.65
N GLY C 8 -17.08 37.07 -9.57
CA GLY C 8 -16.67 37.11 -10.97
C GLY C 8 -17.48 36.29 -11.97
N GLY C 9 -18.69 35.90 -11.58
CA GLY C 9 -19.57 35.13 -12.43
C GLY C 9 -20.39 35.98 -13.37
N GLY C 10 -20.87 35.35 -14.43
CA GLY C 10 -21.68 36.01 -15.44
C GLY C 10 -21.49 35.48 -16.84
N LEU C 11 -21.61 36.40 -17.81
CA LEU C 11 -21.49 36.09 -19.22
C LEU C 11 -20.12 36.37 -19.78
N VAL C 12 -19.61 35.40 -20.54
CA VAL C 12 -18.31 35.48 -21.19
C VAL C 12 -18.53 35.23 -22.67
N GLN C 13 -17.88 36.01 -23.52
CA GLN C 13 -17.97 35.86 -24.97
C GLN C 13 -17.15 34.65 -25.39
N PRO C 14 -17.58 33.85 -26.38
CA PRO C 14 -16.78 32.68 -26.79
C PRO C 14 -15.43 33.18 -27.29
N GLY C 15 -14.37 32.61 -26.75
CA GLY C 15 -12.99 32.98 -27.09
C GLY C 15 -12.41 33.90 -26.01
N GLY C 16 -13.31 34.34 -25.13
CA GLY C 16 -13.03 35.20 -24.00
C GLY C 16 -12.54 34.41 -22.81
N SER C 17 -12.28 35.10 -21.69
CA SER C 17 -11.79 34.44 -20.48
C SER C 17 -12.61 34.73 -19.24
N LEU C 18 -12.77 33.73 -18.37
CA LEU C 18 -13.47 33.90 -17.11
C LEU C 18 -12.42 34.30 -16.10
N ARG C 19 -12.79 35.18 -15.17
CA ARG C 19 -11.91 35.66 -14.12
C ARG C 19 -12.65 35.62 -12.81
N LEU C 20 -12.35 34.60 -12.02
CA LEU C 20 -12.98 34.35 -10.73
C LEU C 20 -12.10 34.60 -9.53
N SER C 21 -12.73 34.84 -8.38
CA SER C 21 -12.05 35.06 -7.13
C SER C 21 -12.68 34.18 -6.07
N CYS C 22 -11.96 33.96 -4.97
CA CYS C 22 -12.39 33.19 -3.82
C CYS C 22 -11.70 33.80 -2.61
N LYS C 23 -12.47 34.57 -1.84
CA LYS C 23 -12.06 35.25 -0.62
C LYS C 23 -12.27 34.30 0.54
N ALA C 24 -11.21 34.04 1.31
CA ALA C 24 -11.27 33.14 2.46
C ALA C 24 -11.18 33.90 3.76
N SER C 25 -11.87 33.39 4.79
CA SER C 25 -11.89 33.98 6.13
C SER C 25 -12.10 32.89 7.20
N GLY C 26 -11.73 33.21 8.44
CA GLY C 26 -11.87 32.34 9.61
C GLY C 26 -10.76 31.36 9.91
N TYR C 27 -9.66 31.37 9.13
CA TYR C 27 -8.54 30.45 9.32
C TYR C 27 -7.22 31.01 8.77
N THR C 28 -6.10 30.28 9.00
CA THR C 28 -4.78 30.66 8.50
C THR C 28 -4.74 30.15 7.09
N PHE C 29 -4.95 31.07 6.13
CA PHE C 29 -4.98 30.86 4.69
C PHE C 29 -3.84 30.01 4.11
N SER C 30 -2.60 30.09 4.65
CA SER C 30 -1.46 29.34 4.12
C SER C 30 -1.42 27.85 4.52
N SER C 31 -2.08 27.49 5.64
CA SER C 31 -2.14 26.14 6.20
C SER C 31 -2.96 25.11 5.42
N TYR C 32 -3.73 25.57 4.42
CA TYR C 32 -4.60 24.69 3.64
C TYR C 32 -4.48 24.89 2.13
N GLY C 33 -4.67 23.80 1.39
CA GLY C 33 -4.64 23.80 -0.07
C GLY C 33 -5.97 24.26 -0.61
N MET C 34 -5.96 24.82 -1.83
CA MET C 34 -7.16 25.32 -2.50
C MET C 34 -7.30 24.73 -3.90
N TYR C 35 -8.51 24.36 -4.27
CA TYR C 35 -8.85 23.79 -5.57
C TYR C 35 -9.93 24.63 -6.24
N TRP C 36 -10.07 24.46 -7.56
CA TRP C 36 -11.08 25.06 -8.40
C TRP C 36 -11.69 23.85 -9.06
N VAL C 37 -12.96 23.63 -8.80
CA VAL C 37 -13.68 22.48 -9.33
C VAL C 37 -14.90 23.06 -10.00
N ARG C 38 -15.26 22.55 -11.17
CA ARG C 38 -16.44 23.01 -11.89
C ARG C 38 -17.42 21.86 -12.03
N GLN C 39 -18.66 22.18 -12.42
CA GLN C 39 -19.71 21.18 -12.61
C GLN C 39 -20.73 21.64 -13.61
N ALA C 40 -20.78 20.96 -14.76
CA ALA C 40 -21.74 21.27 -15.81
C ALA C 40 -23.11 20.73 -15.32
N PRO C 41 -24.24 21.40 -15.64
CA PRO C 41 -25.54 20.92 -15.13
C PRO C 41 -25.89 19.51 -15.61
N GLY C 42 -26.16 18.63 -14.64
CA GLY C 42 -26.50 17.23 -14.90
C GLY C 42 -25.28 16.33 -14.84
N LYS C 43 -24.09 16.91 -15.11
CA LYS C 43 -22.81 16.20 -15.08
C LYS C 43 -22.22 16.20 -13.66
N GLY C 44 -21.08 15.51 -13.51
CA GLY C 44 -20.37 15.39 -12.25
C GLY C 44 -19.31 16.46 -12.02
N LEU C 45 -18.49 16.26 -10.98
CA LEU C 45 -17.43 17.15 -10.58
C LEU C 45 -16.13 16.99 -11.37
N GLU C 46 -15.68 18.09 -11.96
CA GLU C 46 -14.48 18.15 -12.75
C GLU C 46 -13.52 19.15 -12.13
N TRP C 47 -12.35 18.68 -11.73
CA TRP C 47 -11.36 19.54 -11.12
C TRP C 47 -10.61 20.31 -12.21
N ILE C 48 -10.20 21.53 -11.90
CA ILE C 48 -9.50 22.41 -12.82
C ILE C 48 -8.03 22.54 -12.43
N GLY C 49 -7.80 22.92 -11.18
CA GLY C 49 -6.45 23.11 -10.67
C GLY C 49 -6.38 23.22 -9.17
N TRP C 50 -5.13 23.31 -8.71
CA TRP C 50 -4.77 23.39 -7.30
C TRP C 50 -3.65 24.40 -7.10
N ILE C 51 -3.59 24.96 -5.90
CA ILE C 51 -2.57 25.90 -5.48
C ILE C 51 -2.26 25.72 -3.99
N ASP C 52 -1.01 25.99 -3.62
CA ASP C 52 -0.60 25.94 -2.23
C ASP C 52 -0.32 27.39 -1.87
N PRO C 53 -1.17 28.01 -1.02
CA PRO C 53 -0.95 29.43 -0.69
C PRO C 53 0.33 29.71 0.07
N GLY C 54 1.01 28.68 0.54
CA GLY C 54 2.25 28.85 1.29
C GLY C 54 3.42 29.03 0.35
N SER C 55 3.60 28.04 -0.55
CA SER C 55 4.66 27.93 -1.55
C SER C 55 4.39 28.61 -2.88
N GLY C 56 3.14 28.56 -3.35
CA GLY C 56 2.73 29.13 -4.62
C GLY C 56 2.71 28.06 -5.69
N GLY C 57 3.02 26.83 -5.25
CA GLY C 57 3.05 25.62 -6.05
C GLY C 57 1.68 25.35 -6.62
N THR C 58 1.62 24.99 -7.90
CA THR C 58 0.37 24.78 -8.60
C THR C 58 0.33 23.47 -9.42
N LYS C 59 -0.89 22.96 -9.67
CA LYS C 59 -1.16 21.76 -10.47
C LYS C 59 -2.39 22.07 -11.30
N TYR C 60 -2.43 21.56 -12.54
CA TYR C 60 -3.54 21.80 -13.44
C TYR C 60 -3.97 20.56 -14.14
N ASN C 61 -5.24 20.54 -14.58
CA ASN C 61 -5.80 19.42 -15.32
C ASN C 61 -5.22 19.52 -16.73
N GLU C 62 -4.82 18.38 -17.30
CA GLU C 62 -4.23 18.29 -18.65
C GLU C 62 -5.12 18.86 -19.75
N LYS C 63 -6.46 18.74 -19.60
CA LYS C 63 -7.44 19.25 -20.58
C LYS C 63 -7.46 20.79 -20.65
N PHE C 64 -6.99 21.46 -19.58
CA PHE C 64 -6.95 22.93 -19.44
C PHE C 64 -5.56 23.57 -19.49
N LYS C 65 -4.51 22.77 -19.72
CA LYS C 65 -3.13 23.23 -19.81
C LYS C 65 -2.93 24.29 -20.88
N GLY C 66 -2.43 25.43 -20.41
CA GLY C 66 -2.16 26.62 -21.21
C GLY C 66 -3.28 27.63 -21.16
N LYS C 67 -4.52 27.14 -20.88
CA LYS C 67 -5.76 27.95 -20.79
C LYS C 67 -6.01 28.41 -19.36
N ALA C 68 -5.78 27.52 -18.36
CA ALA C 68 -5.98 27.80 -16.94
C ALA C 68 -4.75 28.33 -16.22
N THR C 69 -4.96 29.28 -15.31
CA THR C 69 -3.95 29.94 -14.46
C THR C 69 -4.56 30.26 -13.09
N ILE C 70 -3.90 29.78 -12.02
CA ILE C 70 -4.32 30.01 -10.63
C ILE C 70 -3.21 30.75 -9.89
N SER C 71 -3.58 31.82 -9.20
CA SER C 71 -2.65 32.63 -8.44
C SER C 71 -3.28 32.97 -7.09
N ARG C 72 -2.50 33.53 -6.17
CA ARG C 72 -2.97 33.87 -4.85
C ARG C 72 -2.40 35.18 -4.37
N ASP C 73 -3.06 35.75 -3.35
CA ASP C 73 -2.63 36.94 -2.65
C ASP C 73 -2.90 36.65 -1.18
N ASN C 74 -1.85 36.30 -0.45
CA ASN C 74 -1.90 35.96 0.97
C ASN C 74 -2.27 37.13 1.86
N SER C 75 -1.95 38.37 1.45
CA SER C 75 -2.24 39.60 2.20
C SER C 75 -3.74 39.84 2.33
N LYS C 76 -4.51 39.40 1.31
CA LYS C 76 -5.95 39.57 1.31
C LYS C 76 -6.71 38.24 1.29
N ASN C 77 -6.02 37.11 1.59
CA ASN C 77 -6.56 35.74 1.66
C ASN C 77 -7.44 35.37 0.45
N THR C 78 -7.08 35.85 -0.75
CA THR C 78 -7.84 35.64 -1.97
C THR C 78 -7.16 34.69 -2.97
N LEU C 79 -7.98 33.81 -3.53
CA LEU C 79 -7.64 32.81 -4.52
C LEU C 79 -8.11 33.35 -5.88
N TYR C 80 -7.33 33.13 -6.93
CA TYR C 80 -7.65 33.62 -8.27
C TYR C 80 -7.67 32.56 -9.34
N LEU C 81 -8.57 32.72 -10.32
CA LEU C 81 -8.71 31.82 -11.45
C LEU C 81 -8.90 32.58 -12.76
N GLN C 82 -8.28 32.06 -13.83
CA GLN C 82 -8.36 32.58 -15.18
C GLN C 82 -8.33 31.40 -16.12
N MET C 83 -9.34 31.29 -16.97
CA MET C 83 -9.45 30.24 -17.96
C MET C 83 -9.69 30.91 -19.28
N ASN C 84 -8.70 30.85 -20.17
CA ASN C 84 -8.74 31.47 -21.50
C ASN C 84 -9.36 30.61 -22.59
N SER C 85 -9.66 31.27 -23.73
CA SER C 85 -10.25 30.69 -24.95
C SER C 85 -11.46 29.78 -24.69
N LEU C 86 -12.45 30.32 -23.97
CA LEU C 86 -13.65 29.57 -23.62
C LEU C 86 -14.57 29.23 -24.79
N ARG C 87 -15.13 28.02 -24.74
CA ARG C 87 -16.06 27.51 -25.72
C ARG C 87 -17.35 27.22 -24.95
N ALA C 88 -18.48 26.97 -25.63
CA ALA C 88 -19.78 26.70 -25.02
C ALA C 88 -19.79 25.48 -24.04
N GLU C 89 -18.78 24.58 -24.13
CA GLU C 89 -18.65 23.40 -23.26
C GLU C 89 -18.16 23.81 -21.86
N ASP C 90 -17.69 25.06 -21.72
CA ASP C 90 -17.18 25.59 -20.47
C ASP C 90 -18.27 26.23 -19.57
N THR C 91 -19.57 26.07 -19.93
CA THR C 91 -20.68 26.58 -19.13
C THR C 91 -20.80 25.59 -18.00
N ALA C 92 -20.54 26.07 -16.77
CA ALA C 92 -20.58 25.26 -15.57
C ALA C 92 -20.69 26.13 -14.33
N VAL C 93 -20.95 25.48 -13.19
CA VAL C 93 -21.01 26.13 -11.89
C VAL C 93 -19.60 25.86 -11.37
N TYR C 94 -18.87 26.93 -11.07
CA TYR C 94 -17.48 26.92 -10.58
C TYR C 94 -17.43 27.11 -9.08
N TYR C 95 -16.67 26.22 -8.42
CA TYR C 95 -16.47 26.16 -6.98
C TYR C 95 -15.02 26.27 -6.59
N CYS C 96 -14.77 26.86 -5.42
CA CYS C 96 -13.46 26.94 -4.83
C CYS C 96 -13.64 26.11 -3.58
N ALA C 97 -12.72 25.16 -3.35
CA ALA C 97 -12.81 24.24 -2.24
C ALA C 97 -11.52 24.16 -1.48
N ARG C 98 -11.64 24.17 -0.16
CA ARG C 98 -10.50 24.08 0.74
C ARG C 98 -10.23 22.62 1.03
N GLU C 99 -8.96 22.23 1.00
CA GLU C 99 -8.61 20.87 1.30
C GLU C 99 -7.81 20.77 2.58
N ARG C 100 -8.11 19.75 3.38
CA ARG C 100 -7.35 19.50 4.59
C ARG C 100 -6.40 18.45 4.04
N TYR C 101 -5.09 18.77 4.05
CA TYR C 101 -4.04 17.92 3.52
C TYR C 101 -4.11 16.49 3.96
N GLY C 102 -4.42 15.64 2.98
CA GLY C 102 -4.52 14.20 3.14
C GLY C 102 -5.83 13.73 3.76
N TYR C 103 -6.77 14.65 4.00
CA TYR C 103 -8.03 14.28 4.61
C TYR C 103 -9.22 14.36 3.69
N TYR C 104 -9.72 15.59 3.43
CA TYR C 104 -10.95 15.84 2.65
C TYR C 104 -11.12 17.29 2.26
N PHE C 105 -12.27 17.58 1.62
CA PHE C 105 -12.69 18.92 1.23
C PHE C 105 -13.69 19.25 2.31
N ASP C 106 -13.30 20.14 3.21
CA ASP C 106 -14.11 20.54 4.36
C ASP C 106 -14.97 21.76 4.11
N TYR C 107 -14.50 22.68 3.28
CA TYR C 107 -15.24 23.89 2.99
C TYR C 107 -15.31 24.16 1.51
N TRP C 108 -16.46 24.66 1.07
CA TRP C 108 -16.73 24.97 -0.33
C TRP C 108 -17.25 26.37 -0.49
N GLY C 109 -17.23 26.85 -1.72
CA GLY C 109 -17.76 28.15 -2.08
C GLY C 109 -19.25 27.95 -2.33
N GLN C 110 -20.00 29.06 -2.52
CA GLN C 110 -21.43 28.99 -2.76
C GLN C 110 -21.80 28.42 -4.15
N GLY C 111 -20.88 28.52 -5.08
CA GLY C 111 -21.10 28.05 -6.45
C GLY C 111 -21.36 29.24 -7.33
N THR C 112 -20.51 29.44 -8.35
CA THR C 112 -20.57 30.55 -9.29
C THR C 112 -20.82 30.09 -10.71
N LEU C 113 -21.95 30.50 -11.28
CA LEU C 113 -22.29 30.12 -12.64
C LEU C 113 -21.59 31.03 -13.66
N VAL C 114 -20.96 30.41 -14.66
CA VAL C 114 -20.28 31.10 -15.75
C VAL C 114 -20.90 30.54 -17.03
N THR C 115 -21.58 31.41 -17.79
CA THR C 115 -22.23 31.05 -19.05
C THR C 115 -21.50 31.70 -20.20
N VAL C 116 -21.11 30.87 -21.16
CA VAL C 116 -20.40 31.30 -22.35
C VAL C 116 -21.36 31.32 -23.54
N SER C 117 -21.66 32.53 -24.04
CA SER C 117 -22.59 32.76 -25.15
C SER C 117 -22.33 34.13 -25.76
N SER C 118 -22.49 34.22 -27.09
CA SER C 118 -22.30 35.47 -27.84
C SER C 118 -23.63 36.24 -27.98
N ALA C 119 -24.74 35.70 -27.43
CA ALA C 119 -26.05 36.34 -27.48
C ALA C 119 -26.12 37.64 -26.67
N SER C 120 -27.12 38.47 -26.97
CA SER C 120 -27.35 39.75 -26.31
C SER C 120 -28.58 39.66 -25.42
N THR C 121 -28.72 40.62 -24.48
CA THR C 121 -29.84 40.70 -23.55
C THR C 121 -31.13 40.96 -24.32
N LYS C 122 -32.12 40.09 -24.10
CA LYS C 122 -33.40 40.17 -24.76
C LYS C 122 -34.52 39.68 -23.86
N GLY C 123 -35.60 40.46 -23.84
CA GLY C 123 -36.80 40.16 -23.08
C GLY C 123 -37.58 39.06 -23.76
N PRO C 124 -38.42 38.30 -23.03
CA PRO C 124 -39.18 37.21 -23.67
C PRO C 124 -40.50 37.64 -24.31
N SER C 125 -41.07 36.74 -25.12
CA SER C 125 -42.36 36.89 -25.79
C SER C 125 -43.23 35.80 -25.16
N VAL C 126 -44.23 36.20 -24.38
CA VAL C 126 -45.13 35.29 -23.68
C VAL C 126 -46.33 34.95 -24.57
N PHE C 127 -46.51 33.64 -24.87
CA PHE C 127 -47.62 33.18 -25.70
C PHE C 127 -48.46 32.21 -24.90
N PRO C 128 -49.80 32.38 -24.82
CA PRO C 128 -50.59 31.43 -24.01
C PRO C 128 -50.79 30.05 -24.65
N LEU C 129 -50.99 29.05 -23.80
CA LEU C 129 -51.25 27.67 -24.16
C LEU C 129 -52.65 27.46 -23.63
N ALA C 130 -53.63 27.61 -24.53
CA ALA C 130 -55.05 27.52 -24.23
C ALA C 130 -55.52 26.11 -23.91
N PRO C 131 -56.49 26.00 -22.95
CA PRO C 131 -57.04 24.67 -22.62
C PRO C 131 -57.87 24.20 -23.82
N SER C 132 -57.87 22.89 -24.11
CA SER C 132 -58.60 22.31 -25.24
C SER C 132 -60.12 22.34 -25.05
N SER C 133 -60.84 22.50 -26.17
CA SER C 133 -62.30 22.48 -26.21
C SER C 133 -62.74 21.03 -26.00
N LYS C 134 -61.99 20.08 -26.59
CA LYS C 134 -62.24 18.64 -26.45
C LYS C 134 -61.65 18.19 -25.11
N SER C 135 -62.52 17.71 -24.19
CA SER C 135 -62.16 17.23 -22.83
C SER C 135 -61.45 18.31 -22.00
N GLY C 139 -62.23 15.65 -16.66
CA GLY C 139 -62.57 16.32 -15.42
C GLY C 139 -61.57 17.38 -15.00
N THR C 140 -60.32 17.26 -15.50
CA THR C 140 -59.21 18.17 -15.23
C THR C 140 -58.75 18.80 -16.55
N ALA C 141 -58.57 20.11 -16.55
CA ALA C 141 -58.12 20.90 -17.69
C ALA C 141 -56.69 21.36 -17.46
N ALA C 142 -55.86 21.32 -18.50
CA ALA C 142 -54.47 21.75 -18.40
C ALA C 142 -54.29 22.94 -19.32
N LEU C 143 -53.60 23.98 -18.82
CA LEU C 143 -53.30 25.20 -19.55
C LEU C 143 -52.00 25.82 -19.04
N GLY C 144 -51.44 26.70 -19.85
CA GLY C 144 -50.21 27.39 -19.49
C GLY C 144 -49.89 28.55 -20.40
N CYS C 145 -48.63 28.95 -20.40
CA CYS C 145 -48.12 29.99 -21.26
C CYS C 145 -46.66 29.69 -21.55
N LEU C 146 -46.26 29.97 -22.78
CA LEU C 146 -44.95 29.75 -23.34
C LEU C 146 -44.07 31.01 -23.29
N VAL C 147 -43.01 30.93 -22.48
CA VAL C 147 -42.03 32.00 -22.34
C VAL C 147 -40.96 31.66 -23.36
N LYS C 148 -40.88 32.45 -24.42
CA LYS C 148 -39.97 32.20 -25.52
C LYS C 148 -39.08 33.37 -25.90
N ASP C 149 -37.91 33.03 -26.46
CA ASP C 149 -36.87 33.91 -27.01
C ASP C 149 -36.36 34.98 -26.04
N TYR C 150 -35.68 34.54 -24.99
CA TYR C 150 -35.08 35.46 -24.00
C TYR C 150 -33.64 35.08 -23.73
N PHE C 151 -32.85 36.04 -23.22
CA PHE C 151 -31.45 35.85 -22.87
C PHE C 151 -31.02 36.93 -21.91
N PRO C 152 -30.40 36.56 -20.77
CA PRO C 152 -30.04 35.20 -20.37
C PRO C 152 -31.05 34.67 -19.38
N GLU C 153 -30.67 33.61 -18.66
CA GLU C 153 -31.43 32.94 -17.60
C GLU C 153 -31.31 33.82 -16.35
N PRO C 154 -32.30 33.85 -15.42
CA PRO C 154 -33.51 33.02 -15.38
C PRO C 154 -34.78 33.81 -15.66
N VAL C 155 -35.92 33.13 -15.57
CA VAL C 155 -37.25 33.68 -15.71
C VAL C 155 -38.06 33.09 -14.56
N THR C 156 -38.72 33.96 -13.78
CA THR C 156 -39.58 33.56 -12.66
C THR C 156 -41.00 33.67 -13.16
N VAL C 157 -41.80 32.59 -12.98
CA VAL C 157 -43.19 32.55 -13.41
C VAL C 157 -44.09 32.25 -12.22
N SER C 158 -45.12 33.08 -12.02
CA SER C 158 -46.09 32.89 -10.95
C SER C 158 -47.48 32.93 -11.58
N TRP C 159 -48.47 32.29 -10.94
CA TRP C 159 -49.83 32.26 -11.45
C TRP C 159 -50.75 32.98 -10.50
N ASN C 160 -51.57 33.91 -11.04
CA ASN C 160 -52.53 34.72 -10.28
C ASN C 160 -51.87 35.48 -9.11
N SER C 161 -50.67 36.05 -9.36
CA SER C 161 -49.86 36.80 -8.39
C SER C 161 -49.48 35.96 -7.15
N GLY C 162 -49.32 34.66 -7.34
CA GLY C 162 -48.96 33.71 -6.28
C GLY C 162 -50.12 33.05 -5.55
N ALA C 163 -51.38 33.38 -5.92
CA ALA C 163 -52.57 32.79 -5.28
C ALA C 163 -52.82 31.36 -5.81
N LEU C 164 -52.22 31.02 -6.97
CA LEU C 164 -52.34 29.70 -7.60
C LEU C 164 -50.99 28.97 -7.59
N THR C 165 -50.84 28.01 -6.65
CA THR C 165 -49.60 27.23 -6.47
C THR C 165 -49.80 25.73 -6.72
N SER C 166 -51.02 25.21 -6.48
CA SER C 166 -51.32 23.79 -6.65
C SER C 166 -51.43 23.39 -8.13
N GLY C 167 -50.73 22.31 -8.47
CA GLY C 167 -50.69 21.72 -9.80
C GLY C 167 -49.86 22.49 -10.82
N VAL C 168 -49.06 23.47 -10.34
CA VAL C 168 -48.19 24.32 -11.16
C VAL C 168 -46.88 23.58 -11.44
N HIS C 169 -46.46 23.55 -12.70
CA HIS C 169 -45.23 22.94 -13.16
C HIS C 169 -44.52 23.89 -14.11
N THR C 170 -43.54 24.63 -13.58
CA THR C 170 -42.73 25.56 -14.37
C THR C 170 -41.55 24.71 -14.78
N PHE C 171 -41.43 24.44 -16.08
CA PHE C 171 -40.39 23.60 -16.65
C PHE C 171 -39.04 24.26 -16.83
N PRO C 172 -37.93 23.47 -16.73
CA PRO C 172 -36.60 24.05 -16.96
C PRO C 172 -36.54 24.48 -18.41
N ALA C 173 -35.82 25.56 -18.68
CA ALA C 173 -35.71 26.08 -20.04
C ALA C 173 -34.76 25.28 -20.89
N VAL C 174 -34.83 25.50 -22.20
CA VAL C 174 -33.98 24.84 -23.20
C VAL C 174 -33.27 25.89 -24.03
N LEU C 175 -32.01 25.61 -24.38
CA LEU C 175 -31.25 26.54 -25.21
C LEU C 175 -31.50 26.13 -26.64
N GLN C 176 -32.12 27.02 -27.41
CA GLN C 176 -32.40 26.70 -28.81
C GLN C 176 -31.30 27.17 -29.76
N SER C 177 -31.45 26.87 -31.07
CA SER C 177 -30.55 27.21 -32.18
C SER C 177 -30.14 28.68 -32.27
N SER C 178 -31.06 29.63 -32.00
CA SER C 178 -30.78 31.07 -32.06
C SER C 178 -29.83 31.57 -30.94
N GLY C 179 -29.77 30.81 -29.85
CA GLY C 179 -28.97 31.13 -28.67
C GLY C 179 -29.81 31.71 -27.55
N LEU C 180 -31.13 31.72 -27.76
CA LEU C 180 -32.10 32.23 -26.81
C LEU C 180 -32.74 31.07 -26.07
N TYR C 181 -33.34 31.35 -24.92
CA TYR C 181 -33.97 30.32 -24.10
C TYR C 181 -35.48 30.31 -24.25
N SER C 182 -36.08 29.16 -23.94
CA SER C 182 -37.52 28.97 -23.99
C SER C 182 -37.97 27.99 -22.93
N LEU C 183 -38.93 28.41 -22.12
CA LEU C 183 -39.52 27.56 -21.09
C LEU C 183 -41.05 27.64 -21.20
N SER C 184 -41.73 26.85 -20.39
CA SER C 184 -43.17 26.79 -20.35
C SER C 184 -43.58 26.49 -18.94
N SER C 185 -44.64 27.12 -18.47
CA SER C 185 -45.19 26.91 -17.14
C SER C 185 -46.63 26.49 -17.32
N VAL C 186 -46.97 25.31 -16.80
CA VAL C 186 -48.30 24.73 -16.92
C VAL C 186 -48.97 24.50 -15.58
N VAL C 187 -50.27 24.79 -15.51
CA VAL C 187 -51.11 24.55 -14.33
C VAL C 187 -52.25 23.62 -14.76
N THR C 188 -52.65 22.70 -13.86
CA THR C 188 -53.75 21.76 -14.09
C THR C 188 -54.83 22.22 -13.16
N VAL C 189 -55.99 22.53 -13.74
CA VAL C 189 -57.17 23.05 -13.05
C VAL C 189 -58.44 22.25 -13.28
N PRO C 190 -59.43 22.28 -12.34
CA PRO C 190 -60.67 21.53 -12.60
C PRO C 190 -61.38 22.22 -13.78
N SER C 191 -62.06 21.45 -14.65
CA SER C 191 -62.76 21.95 -15.85
C SER C 191 -63.99 22.85 -15.57
N SER C 192 -64.58 22.79 -14.36
CA SER C 192 -65.75 23.59 -13.99
C SER C 192 -65.43 25.08 -13.81
N SER C 193 -64.27 25.41 -13.22
CA SER C 193 -63.81 26.77 -12.94
C SER C 193 -63.13 27.51 -14.14
N LEU C 194 -63.40 27.07 -15.39
CA LEU C 194 -62.82 27.69 -16.58
C LEU C 194 -63.38 29.09 -16.83
N GLY C 195 -64.68 29.18 -17.07
CA GLY C 195 -65.41 30.43 -17.30
C GLY C 195 -65.56 31.26 -16.04
N THR C 196 -65.44 30.62 -14.86
CA THR C 196 -65.56 31.28 -13.54
C THR C 196 -64.29 32.04 -13.16
N GLN C 197 -63.18 31.31 -12.98
CA GLN C 197 -61.88 31.83 -12.57
C GLN C 197 -61.01 32.26 -13.74
N THR C 198 -60.42 33.45 -13.61
CA THR C 198 -59.52 34.01 -14.61
C THR C 198 -58.11 33.51 -14.30
N TYR C 199 -57.38 33.11 -15.36
CA TYR C 199 -56.02 32.61 -15.24
C TYR C 199 -54.99 33.46 -15.94
N ILE C 200 -54.07 34.02 -15.15
CA ILE C 200 -52.98 34.87 -15.65
C ILE C 200 -51.62 34.34 -15.20
N CYS C 201 -50.65 34.35 -16.11
CA CYS C 201 -49.30 33.94 -15.75
C CYS C 201 -48.46 35.20 -15.72
N ASN C 202 -47.75 35.37 -14.60
CA ASN C 202 -46.89 36.50 -14.31
C ASN C 202 -45.42 36.17 -14.57
N VAL C 203 -44.92 36.69 -15.68
CA VAL C 203 -43.55 36.48 -16.16
C VAL C 203 -42.64 37.64 -15.80
N ASN C 204 -41.49 37.32 -15.19
CA ASN C 204 -40.49 38.31 -14.83
C ASN C 204 -39.11 37.89 -15.31
N HIS C 205 -38.50 38.72 -16.18
CA HIS C 205 -37.16 38.51 -16.72
C HIS C 205 -36.35 39.66 -16.16
N LYS C 206 -35.73 39.41 -15.00
CA LYS C 206 -34.93 40.35 -14.24
C LYS C 206 -33.75 40.96 -15.03
N PRO C 207 -32.96 40.20 -15.85
CA PRO C 207 -31.84 40.84 -16.58
C PRO C 207 -32.24 41.95 -17.53
N SER C 208 -33.50 41.94 -18.01
CA SER C 208 -34.00 42.97 -18.91
C SER C 208 -35.10 43.81 -18.31
N ASN C 209 -35.47 43.53 -17.04
CA ASN C 209 -36.53 44.23 -16.30
C ASN C 209 -37.85 44.13 -17.09
N THR C 210 -38.14 42.93 -17.60
CA THR C 210 -39.34 42.65 -18.37
C THR C 210 -40.37 41.94 -17.51
N LYS C 211 -41.49 42.62 -17.24
CA LYS C 211 -42.58 42.03 -16.48
C LYS C 211 -43.80 42.00 -17.38
N VAL C 212 -44.23 40.78 -17.74
CA VAL C 212 -45.35 40.53 -18.65
C VAL C 212 -46.44 39.67 -18.04
N ASP C 213 -47.67 40.19 -18.03
CA ASP C 213 -48.83 39.47 -17.54
C ASP C 213 -49.62 39.08 -18.77
N LYS C 214 -49.98 37.80 -18.84
CA LYS C 214 -50.73 37.27 -19.96
C LYS C 214 -51.86 36.41 -19.46
N LYS C 215 -53.07 36.69 -19.96
CA LYS C 215 -54.27 35.95 -19.59
C LYS C 215 -54.47 34.76 -20.52
N VAL C 216 -54.72 33.59 -19.93
CA VAL C 216 -54.96 32.33 -20.64
C VAL C 216 -56.47 32.16 -20.78
N GLU C 217 -56.94 32.22 -22.03
CA GLU C 217 -58.35 32.14 -22.39
C GLU C 217 -58.60 31.03 -23.42
N PRO C 218 -59.69 30.22 -23.27
CA PRO C 218 -59.97 29.15 -24.24
C PRO C 218 -60.24 29.74 -25.62
N LYS C 219 -59.81 29.04 -26.69
CA LYS C 219 -59.97 29.46 -28.09
C LYS C 219 -61.43 29.35 -28.56
N GLU D 1 -3.66 6.10 -13.52
CA GLU D 1 -4.47 6.83 -12.55
C GLU D 1 -5.55 5.96 -11.93
N ILE D 2 -6.04 6.35 -10.74
CA ILE D 2 -7.11 5.64 -10.05
C ILE D 2 -8.43 6.06 -10.66
N VAL D 3 -9.33 5.09 -10.88
CA VAL D 3 -10.66 5.35 -11.40
C VAL D 3 -11.62 4.83 -10.34
N LEU D 4 -12.56 5.68 -9.91
CA LEU D 4 -13.57 5.30 -8.93
C LEU D 4 -14.85 5.00 -9.69
N THR D 5 -15.33 3.76 -9.61
CA THR D 5 -16.54 3.32 -10.29
C THR D 5 -17.66 3.19 -9.29
N GLN D 6 -18.72 3.97 -9.47
CA GLN D 6 -19.87 3.91 -8.57
C GLN D 6 -21.00 3.09 -9.15
N SER D 7 -21.66 2.31 -8.29
CA SER D 7 -22.77 1.45 -8.65
C SER D 7 -23.86 1.56 -7.60
N PRO D 8 -25.12 1.84 -8.00
CA PRO D 8 -25.61 1.99 -9.38
C PRO D 8 -25.53 3.46 -9.79
N ALA D 9 -26.03 3.82 -10.99
CA ALA D 9 -26.04 5.20 -11.46
C ALA D 9 -27.24 5.91 -10.81
N THR D 10 -28.39 5.20 -10.72
CA THR D 10 -29.62 5.68 -10.12
C THR D 10 -30.18 4.61 -9.18
N LEU D 11 -30.46 5.01 -7.95
CA LEU D 11 -31.01 4.12 -6.94
C LEU D 11 -32.41 4.59 -6.57
N SER D 12 -33.44 3.81 -6.95
CA SER D 12 -34.85 4.13 -6.66
C SER D 12 -35.34 3.32 -5.49
N LEU D 13 -35.58 4.00 -4.37
CA LEU D 13 -36.06 3.38 -3.13
C LEU D 13 -37.12 4.22 -2.45
N SER D 14 -37.85 3.61 -1.51
CA SER D 14 -38.92 4.28 -0.75
C SER D 14 -38.41 4.88 0.55
N PRO D 15 -39.04 5.97 1.06
CA PRO D 15 -38.57 6.55 2.33
C PRO D 15 -38.76 5.52 3.45
N GLY D 16 -37.78 5.42 4.33
CA GLY D 16 -37.80 4.47 5.44
C GLY D 16 -36.98 3.22 5.14
N GLU D 17 -36.87 2.89 3.83
CA GLU D 17 -36.13 1.75 3.30
C GLU D 17 -34.62 2.04 3.40
N ARG D 18 -33.81 0.98 3.52
CA ARG D 18 -32.35 1.08 3.62
C ARG D 18 -31.71 1.23 2.26
N ALA D 19 -30.70 2.11 2.16
CA ALA D 19 -29.95 2.39 0.93
C ALA D 19 -28.47 2.02 1.04
N THR D 20 -27.95 1.32 0.03
CA THR D 20 -26.55 0.92 -0.06
C THR D 20 -25.99 1.33 -1.41
N ILE D 21 -24.92 2.14 -1.38
CA ILE D 21 -24.23 2.64 -2.57
C ILE D 21 -22.79 2.10 -2.54
N THR D 22 -22.33 1.57 -3.68
CA THR D 22 -21.00 1.01 -3.82
C THR D 22 -20.07 1.90 -4.65
N CYS D 23 -18.83 2.03 -4.19
CA CYS D 23 -17.74 2.73 -4.88
C CYS D 23 -16.63 1.72 -4.98
N ARG D 24 -16.09 1.54 -6.18
CA ARG D 24 -15.01 0.60 -6.45
C ARG D 24 -13.78 1.29 -7.02
N ALA D 25 -12.66 1.19 -6.30
CA ALA D 25 -11.38 1.75 -6.72
C ALA D 25 -10.60 0.76 -7.61
N SER D 26 -9.97 1.26 -8.68
CA SER D 26 -9.21 0.44 -9.62
C SER D 26 -7.85 -0.02 -9.04
N GLN D 27 -7.43 0.60 -7.93
CA GLN D 27 -6.18 0.31 -7.23
C GLN D 27 -6.44 0.30 -5.75
N TYR D 28 -5.45 -0.17 -4.98
CA TYR D 28 -5.57 -0.19 -3.53
C TYR D 28 -5.45 1.25 -3.05
N VAL D 29 -6.42 1.69 -2.24
CA VAL D 29 -6.43 3.06 -1.74
C VAL D 29 -6.48 3.08 -0.18
N GLY D 30 -6.44 1.90 0.42
CA GLY D 30 -6.50 1.74 1.87
C GLY D 30 -7.88 2.11 2.38
N SER D 31 -7.92 2.97 3.39
CA SER D 31 -9.19 3.41 3.93
C SER D 31 -9.36 4.92 3.74
N TYR D 32 -8.54 5.52 2.87
CA TYR D 32 -8.56 6.97 2.62
C TYR D 32 -9.50 7.37 1.49
N LEU D 33 -10.79 7.06 1.67
CA LEU D 33 -11.87 7.39 0.76
C LEU D 33 -12.89 8.26 1.49
N ASN D 34 -13.42 9.28 0.80
CA ASN D 34 -14.40 10.21 1.34
C ASN D 34 -15.69 10.14 0.56
N TRP D 35 -16.80 10.43 1.25
CA TRP D 35 -18.14 10.44 0.69
C TRP D 35 -18.72 11.83 0.82
N TYR D 36 -19.37 12.29 -0.26
CA TYR D 36 -19.96 13.62 -0.32
C TYR D 36 -21.39 13.52 -0.74
N GLN D 37 -22.20 14.46 -0.26
CA GLN D 37 -23.61 14.55 -0.62
C GLN D 37 -23.83 15.89 -1.30
N GLN D 38 -24.55 15.89 -2.42
CA GLN D 38 -24.83 17.13 -3.11
C GLN D 38 -26.30 17.27 -3.42
N LYS D 39 -26.92 18.26 -2.79
CA LYS D 39 -28.34 18.55 -3.00
C LYS D 39 -28.42 19.61 -4.09
N PRO D 40 -29.51 19.68 -4.89
CA PRO D 40 -29.57 20.67 -5.97
C PRO D 40 -29.45 22.13 -5.55
N GLY D 41 -28.64 22.87 -6.31
CA GLY D 41 -28.35 24.30 -6.10
C GLY D 41 -27.37 24.54 -4.97
N GLN D 42 -26.78 23.45 -4.45
CA GLN D 42 -25.83 23.51 -3.35
C GLN D 42 -24.52 22.87 -3.71
N ALA D 43 -23.51 23.20 -2.92
CA ALA D 43 -22.15 22.68 -3.04
C ALA D 43 -22.09 21.32 -2.36
N PRO D 44 -21.15 20.42 -2.73
CA PRO D 44 -21.11 19.10 -2.08
C PRO D 44 -20.82 19.28 -0.59
N ARG D 45 -21.35 18.37 0.22
CA ARG D 45 -21.25 18.34 1.66
C ARG D 45 -20.51 17.09 2.11
N LEU D 46 -19.49 17.25 2.98
CA LEU D 46 -18.73 16.13 3.51
C LEU D 46 -19.63 15.28 4.40
N LEU D 47 -19.75 14.01 4.04
CA LEU D 47 -20.59 13.04 4.72
C LEU D 47 -19.78 12.02 5.54
N ILE D 48 -18.89 11.25 4.88
CA ILE D 48 -18.06 10.22 5.52
C ILE D 48 -16.61 10.43 5.14
N TYR D 49 -15.72 10.51 6.11
CA TYR D 49 -14.31 10.64 5.83
C TYR D 49 -13.58 9.43 6.40
N ASP D 50 -12.48 9.02 5.73
CA ASP D 50 -11.65 7.87 6.08
C ASP D 50 -12.46 6.57 6.03
N ALA D 51 -13.35 6.49 5.02
CA ALA D 51 -14.26 5.38 4.69
C ALA D 51 -15.27 4.95 5.77
N SER D 52 -15.16 5.38 7.05
CA SER D 52 -16.09 4.91 8.09
C SER D 52 -16.51 5.98 9.11
N ASN D 53 -15.77 7.09 9.19
CA ASN D 53 -16.06 8.16 10.13
C ASN D 53 -17.07 9.19 9.65
N ARG D 54 -18.12 9.42 10.46
CA ARG D 54 -19.15 10.40 10.16
C ARG D 54 -18.54 11.77 10.41
N ALA D 55 -18.83 12.73 9.53
CA ALA D 55 -18.33 14.09 9.66
C ALA D 55 -19.13 14.82 10.75
N THR D 56 -18.64 15.98 11.22
CA THR D 56 -19.28 16.79 12.26
C THR D 56 -20.62 17.35 11.73
N GLY D 57 -21.70 16.97 12.41
CA GLY D 57 -23.06 17.39 12.09
C GLY D 57 -23.78 16.48 11.11
N ILE D 58 -23.36 15.19 11.05
CA ILE D 58 -23.95 14.18 10.18
C ILE D 58 -24.79 13.22 11.02
N PRO D 59 -26.08 13.00 10.67
CA PRO D 59 -26.90 12.07 11.48
C PRO D 59 -26.38 10.64 11.46
N ALA D 60 -26.68 9.88 12.52
CA ALA D 60 -26.25 8.50 12.73
C ALA D 60 -26.75 7.48 11.68
N ARG D 61 -27.75 7.82 10.84
CA ARG D 61 -28.26 6.89 9.83
C ARG D 61 -27.24 6.63 8.71
N PHE D 62 -26.27 7.56 8.55
CA PHE D 62 -25.20 7.47 7.56
C PHE D 62 -24.05 6.66 8.13
N SER D 63 -23.58 5.68 7.37
CA SER D 63 -22.47 4.84 7.79
C SER D 63 -21.69 4.40 6.58
N GLY D 64 -20.39 4.33 6.73
CA GLY D 64 -19.49 3.91 5.67
C GLY D 64 -18.74 2.66 6.07
N SER D 65 -18.27 1.90 5.08
CA SER D 65 -17.52 0.67 5.28
C SER D 65 -16.61 0.40 4.10
N GLY D 66 -15.59 -0.43 4.32
CA GLY D 66 -14.62 -0.83 3.31
C GLY D 66 -13.20 -0.39 3.56
N SER D 67 -12.29 -1.12 2.93
CA SER D 67 -10.85 -0.92 2.95
C SER D 67 -10.28 -1.67 1.75
N GLY D 68 -9.43 -0.96 1.01
CA GLY D 68 -8.79 -1.48 -0.18
C GLY D 68 -9.37 -0.97 -1.48
N THR D 69 -10.25 -1.77 -2.09
CA THR D 69 -10.86 -1.44 -3.38
C THR D 69 -12.38 -1.31 -3.35
N ASP D 70 -13.05 -2.05 -2.44
CA ASP D 70 -14.51 -1.99 -2.36
C ASP D 70 -14.98 -1.18 -1.16
N PHE D 71 -15.80 -0.16 -1.43
CA PHE D 71 -16.35 0.75 -0.44
C PHE D 71 -17.86 0.84 -0.52
N THR D 72 -18.50 0.99 0.64
CA THR D 72 -19.96 1.05 0.73
C THR D 72 -20.47 2.17 1.61
N LEU D 73 -21.45 2.92 1.10
CA LEU D 73 -22.12 3.96 1.84
C LEU D 73 -23.51 3.40 2.15
N THR D 74 -23.89 3.45 3.42
CA THR D 74 -25.16 2.91 3.91
C THR D 74 -25.99 3.95 4.65
N ILE D 75 -27.26 4.04 4.26
CA ILE D 75 -28.26 4.89 4.91
C ILE D 75 -29.24 3.86 5.48
N SER D 76 -29.33 3.78 6.83
CA SER D 76 -30.20 2.84 7.55
C SER D 76 -31.70 3.00 7.20
N SER D 77 -32.21 4.24 7.25
CA SER D 77 -33.61 4.55 6.94
C SER D 77 -33.64 5.86 6.18
N LEU D 78 -34.15 5.82 4.94
CA LEU D 78 -34.22 6.99 4.07
C LEU D 78 -35.19 8.05 4.52
N GLU D 79 -34.65 9.21 4.84
CA GLU D 79 -35.43 10.37 5.24
C GLU D 79 -35.70 11.10 3.92
N PRO D 80 -36.78 11.91 3.77
CA PRO D 80 -37.01 12.57 2.46
C PRO D 80 -35.93 13.56 1.99
N GLU D 81 -35.11 14.10 2.91
CA GLU D 81 -34.03 15.04 2.58
C GLU D 81 -32.74 14.33 2.14
N ASP D 82 -32.72 12.99 2.26
CA ASP D 82 -31.58 12.16 1.88
C ASP D 82 -31.56 11.78 0.41
N PHE D 83 -32.59 12.18 -0.34
CA PHE D 83 -32.65 11.88 -1.77
C PHE D 83 -31.86 12.92 -2.54
N ALA D 84 -30.58 12.62 -2.77
CA ALA D 84 -29.66 13.50 -3.48
C ALA D 84 -28.66 12.72 -4.31
N VAL D 85 -27.55 13.38 -4.67
CA VAL D 85 -26.46 12.80 -5.44
C VAL D 85 -25.31 12.54 -4.47
N TYR D 86 -24.71 11.34 -4.57
CA TYR D 86 -23.59 10.93 -3.72
C TYR D 86 -22.32 10.67 -4.51
N TYR D 87 -21.21 11.20 -4.01
CA TYR D 87 -19.89 11.05 -4.65
C TYR D 87 -18.84 10.47 -3.74
N CYS D 88 -18.02 9.55 -4.26
CA CYS D 88 -16.90 9.00 -3.53
C CYS D 88 -15.67 9.74 -4.05
N GLN D 89 -14.67 9.94 -3.19
CA GLN D 89 -13.48 10.71 -3.54
C GLN D 89 -12.23 10.18 -2.84
N VAL D 90 -11.12 10.14 -3.59
CA VAL D 90 -9.81 9.72 -3.09
C VAL D 90 -8.76 10.70 -3.60
N TRP D 91 -7.52 10.56 -3.12
CA TRP D 91 -6.41 11.36 -3.57
C TRP D 91 -5.56 10.44 -4.42
N ASP D 92 -4.77 11.02 -5.31
CA ASP D 92 -3.89 10.28 -6.20
C ASP D 92 -2.64 11.14 -6.51
N SER D 93 -1.73 10.63 -7.39
CA SER D 93 -0.50 11.32 -7.73
C SER D 93 -0.52 12.11 -9.05
N SER D 94 -0.56 11.40 -10.25
CA SER D 94 -0.61 11.98 -11.60
C SER D 94 -1.82 12.95 -11.50
N PRO D 95 -3.14 12.62 -11.38
CA PRO D 95 -4.10 13.72 -11.19
C PRO D 95 -4.16 13.78 -9.66
N PRO D 96 -4.05 14.93 -8.99
CA PRO D 96 -4.00 14.89 -7.51
C PRO D 96 -5.30 14.54 -6.76
N VAL D 97 -6.42 14.44 -7.47
CA VAL D 97 -7.74 14.14 -6.91
C VAL D 97 -8.54 13.29 -7.92
N VAL D 98 -9.38 12.38 -7.39
CA VAL D 98 -10.25 11.51 -8.19
C VAL D 98 -11.64 11.51 -7.55
N PHE D 99 -12.66 11.82 -8.36
CA PHE D 99 -14.05 11.82 -7.92
C PHE D 99 -14.73 10.68 -8.63
N GLY D 100 -15.79 10.19 -8.00
CA GLY D 100 -16.60 9.13 -8.58
C GLY D 100 -17.54 9.77 -9.59
N GLY D 101 -18.24 8.93 -10.35
CA GLY D 101 -19.18 9.37 -11.37
C GLY D 101 -20.44 10.00 -10.81
N GLY D 102 -20.86 9.51 -9.64
CA GLY D 102 -22.06 9.98 -8.95
C GLY D 102 -23.17 8.96 -8.96
N THR D 103 -23.99 8.96 -7.89
CA THR D 103 -25.13 8.07 -7.69
C THR D 103 -26.30 8.92 -7.23
N LYS D 104 -27.37 8.92 -8.01
CA LYS D 104 -28.57 9.67 -7.69
C LYS D 104 -29.56 8.76 -6.95
N VAL D 105 -30.02 9.20 -5.78
CA VAL D 105 -31.00 8.47 -4.96
C VAL D 105 -32.38 9.09 -5.24
N GLU D 106 -33.30 8.25 -5.71
CA GLU D 106 -34.66 8.62 -6.08
C GLU D 106 -35.71 8.00 -5.17
N ILE D 107 -36.82 8.74 -4.97
CA ILE D 107 -37.97 8.30 -4.18
C ILE D 107 -38.72 7.33 -5.11
N LYS D 108 -39.20 6.21 -4.54
CA LYS D 108 -39.93 5.21 -5.29
C LYS D 108 -41.38 5.22 -4.85
N ARG D 109 -42.26 5.38 -5.82
CA ARG D 109 -43.69 5.40 -5.63
C ARG D 109 -44.27 4.41 -6.66
N THR D 110 -45.58 4.11 -6.55
CA THR D 110 -46.26 3.19 -7.47
C THR D 110 -46.21 3.72 -8.92
N VAL D 111 -46.13 2.82 -9.89
CA VAL D 111 -46.07 3.19 -11.29
C VAL D 111 -47.33 3.96 -11.71
N ALA D 112 -47.17 5.26 -11.99
CA ALA D 112 -48.26 6.12 -12.40
C ALA D 112 -48.17 6.41 -13.90
N ALA D 113 -49.35 6.71 -14.51
CA ALA D 113 -49.47 7.02 -15.93
C ALA D 113 -49.52 8.54 -16.17
N PRO D 114 -48.91 9.03 -17.28
CA PRO D 114 -48.92 10.47 -17.53
C PRO D 114 -50.22 10.97 -18.13
N SER D 115 -50.74 12.11 -17.64
CA SER D 115 -51.95 12.73 -18.15
C SER D 115 -51.42 13.53 -19.33
N VAL D 116 -51.57 12.97 -20.53
CA VAL D 116 -51.05 13.55 -21.77
C VAL D 116 -51.96 14.66 -22.31
N PHE D 117 -51.34 15.80 -22.64
CA PHE D 117 -52.00 16.97 -23.20
C PHE D 117 -51.24 17.47 -24.41
N ILE D 118 -51.92 18.26 -25.23
CA ILE D 118 -51.38 18.85 -26.44
C ILE D 118 -51.84 20.30 -26.50
N PHE D 119 -50.97 21.17 -27.03
CA PHE D 119 -51.27 22.59 -27.14
C PHE D 119 -50.91 23.12 -28.51
N PRO D 120 -51.89 23.74 -29.21
CA PRO D 120 -51.59 24.30 -30.55
C PRO D 120 -50.86 25.63 -30.45
N PRO D 121 -50.20 26.13 -31.54
CA PRO D 121 -49.48 27.41 -31.45
C PRO D 121 -50.47 28.51 -31.16
N SER D 122 -50.02 29.57 -30.48
CA SER D 122 -50.86 30.71 -30.14
C SER D 122 -51.16 31.54 -31.39
N ASP D 123 -52.26 32.32 -31.32
CA ASP D 123 -52.73 33.22 -32.36
C ASP D 123 -51.72 34.37 -32.59
N GLU D 124 -51.18 34.93 -31.48
CA GLU D 124 -50.19 36.02 -31.49
C GLU D 124 -48.82 35.53 -31.99
N GLN D 125 -48.53 34.22 -31.81
CA GLN D 125 -47.29 33.60 -32.24
C GLN D 125 -47.27 33.37 -33.75
N LEU D 126 -48.44 33.09 -34.36
CA LEU D 126 -48.50 32.85 -35.80
C LEU D 126 -48.16 34.09 -36.62
N LYS D 127 -48.43 35.29 -36.08
CA LYS D 127 -48.14 36.57 -36.71
C LYS D 127 -46.63 36.85 -36.68
N SER D 128 -45.90 36.25 -35.70
CA SER D 128 -44.45 36.41 -35.56
C SER D 128 -43.63 35.64 -36.62
N GLY D 129 -44.23 34.61 -37.22
CA GLY D 129 -43.61 33.80 -38.27
C GLY D 129 -43.00 32.49 -37.82
N THR D 130 -43.39 31.98 -36.65
CA THR D 130 -42.89 30.72 -36.08
C THR D 130 -44.03 30.06 -35.29
N ALA D 131 -44.14 28.73 -35.41
CA ALA D 131 -45.16 27.96 -34.70
C ALA D 131 -44.50 27.01 -33.71
N SER D 132 -45.07 26.89 -32.50
CA SER D 132 -44.56 26.01 -31.45
C SER D 132 -45.71 25.19 -30.89
N VAL D 133 -45.59 23.87 -31.02
CA VAL D 133 -46.57 22.89 -30.56
C VAL D 133 -46.00 22.23 -29.30
N VAL D 134 -46.78 22.23 -28.22
CA VAL D 134 -46.35 21.68 -26.94
C VAL D 134 -47.12 20.41 -26.56
N CYS D 135 -46.39 19.38 -26.12
CA CYS D 135 -46.97 18.12 -25.65
C CYS D 135 -46.67 18.02 -24.16
N LEU D 136 -47.71 18.04 -23.33
CA LEU D 136 -47.58 17.95 -21.88
C LEU D 136 -47.75 16.50 -21.42
N LEU D 137 -46.90 16.06 -20.50
CA LEU D 137 -46.91 14.74 -19.90
C LEU D 137 -46.90 15.04 -18.41
N ASN D 138 -48.07 15.03 -17.78
CA ASN D 138 -48.20 15.39 -16.38
C ASN D 138 -48.32 14.24 -15.38
N ASN D 139 -47.62 14.42 -14.25
CA ASN D 139 -47.59 13.56 -13.05
C ASN D 139 -47.43 12.04 -13.30
N PHE D 140 -46.24 11.61 -13.71
CA PHE D 140 -45.94 10.20 -13.94
C PHE D 140 -44.70 9.85 -13.15
N TYR D 141 -44.67 8.66 -12.51
CA TYR D 141 -43.50 8.29 -11.72
C TYR D 141 -42.24 7.88 -12.52
N PRO D 142 -42.20 6.81 -13.35
CA PRO D 142 -40.94 6.47 -14.02
C PRO D 142 -40.49 7.59 -14.95
N ARG D 143 -39.29 8.17 -14.70
CA ARG D 143 -38.71 9.26 -15.46
C ARG D 143 -38.53 8.88 -16.96
N GLU D 144 -38.30 7.58 -17.24
CA GLU D 144 -38.12 7.07 -18.60
C GLU D 144 -39.43 7.14 -19.37
N ALA D 145 -39.46 8.00 -20.39
CA ALA D 145 -40.60 8.22 -21.25
C ALA D 145 -40.11 8.70 -22.60
N LYS D 146 -40.82 8.28 -23.66
CA LYS D 146 -40.47 8.64 -25.04
C LYS D 146 -41.59 9.44 -25.68
N VAL D 147 -41.20 10.48 -26.44
CA VAL D 147 -42.12 11.37 -27.15
C VAL D 147 -41.71 11.38 -28.62
N GLN D 148 -42.62 10.95 -29.49
CA GLN D 148 -42.41 10.93 -30.94
C GLN D 148 -43.51 11.78 -31.56
N TRP D 149 -43.11 12.90 -32.18
CA TRP D 149 -44.05 13.82 -32.83
C TRP D 149 -44.54 13.27 -34.15
N LYS D 150 -45.84 13.39 -34.37
CA LYS D 150 -46.55 12.92 -35.55
C LYS D 150 -47.11 14.10 -36.34
N VAL D 151 -46.38 14.49 -37.38
CA VAL D 151 -46.76 15.57 -38.27
C VAL D 151 -47.38 14.84 -39.46
N ASP D 152 -48.74 14.83 -39.53
CA ASP D 152 -49.62 14.15 -40.50
C ASP D 152 -49.10 12.72 -40.88
N ASN D 153 -48.92 11.88 -39.84
CA ASN D 153 -48.46 10.48 -39.86
C ASN D 153 -46.96 10.32 -40.25
N ALA D 154 -46.17 11.40 -40.18
CA ALA D 154 -44.73 11.35 -40.48
C ALA D 154 -44.00 11.51 -39.15
N LEU D 155 -42.67 11.36 -39.14
CA LEU D 155 -41.86 11.46 -37.92
C LEU D 155 -41.33 12.88 -37.63
N GLN D 156 -40.62 13.01 -36.49
CA GLN D 156 -39.97 14.22 -36.02
C GLN D 156 -38.49 14.04 -36.39
N SER D 157 -38.04 14.75 -37.45
CA SER D 157 -36.67 14.69 -37.97
C SER D 157 -35.61 15.07 -36.92
N GLY D 158 -35.52 16.34 -36.54
CA GLY D 158 -34.57 16.83 -35.55
C GLY D 158 -34.95 18.17 -34.94
N ASN D 159 -36.26 18.48 -34.94
CA ASN D 159 -36.85 19.73 -34.45
C ASN D 159 -37.69 19.59 -33.16
N SER D 160 -37.23 18.80 -32.19
CA SER D 160 -37.95 18.62 -30.93
C SER D 160 -37.03 18.79 -29.73
N GLN D 161 -37.47 19.60 -28.76
CA GLN D 161 -36.73 19.86 -27.54
C GLN D 161 -37.63 19.58 -26.37
N GLU D 162 -37.09 18.92 -25.35
CA GLU D 162 -37.86 18.58 -24.17
C GLU D 162 -37.12 18.87 -22.87
N SER D 163 -37.88 18.96 -21.78
CA SER D 163 -37.35 19.19 -20.45
C SER D 163 -38.23 18.48 -19.42
N VAL D 164 -37.59 17.94 -18.39
CA VAL D 164 -38.26 17.21 -17.33
C VAL D 164 -38.08 17.94 -16.02
N THR D 165 -39.16 18.06 -15.23
CA THR D 165 -39.11 18.72 -13.92
C THR D 165 -38.39 17.79 -12.92
N GLU D 166 -38.07 18.34 -11.74
CA GLU D 166 -37.45 17.58 -10.67
C GLU D 166 -38.60 16.79 -10.03
N GLN D 167 -38.29 15.73 -9.30
CA GLN D 167 -39.30 14.90 -8.65
C GLN D 167 -40.10 15.77 -7.66
N ASP D 168 -41.43 15.72 -7.76
CA ASP D 168 -42.35 16.47 -6.92
C ASP D 168 -42.22 16.14 -5.42
N SER D 169 -42.33 17.18 -4.56
CA SER D 169 -42.22 17.05 -3.11
C SER D 169 -43.46 16.40 -2.49
N LYS D 170 -44.62 16.50 -3.15
CA LYS D 170 -45.87 15.95 -2.63
C LYS D 170 -46.14 14.51 -3.06
N ASP D 171 -46.30 14.27 -4.36
CA ASP D 171 -46.63 12.96 -4.89
C ASP D 171 -45.45 12.20 -5.52
N SER D 172 -44.20 12.72 -5.45
CA SER D 172 -42.98 12.09 -6.02
C SER D 172 -43.07 11.72 -7.52
N THR D 173 -43.77 12.55 -8.30
CA THR D 173 -43.93 12.32 -9.74
C THR D 173 -43.07 13.29 -10.55
N TYR D 174 -42.89 12.98 -11.84
CA TYR D 174 -42.15 13.78 -12.80
C TYR D 174 -43.15 14.30 -13.81
N SER D 175 -42.75 15.34 -14.55
CA SER D 175 -43.55 15.96 -15.59
C SER D 175 -42.63 16.35 -16.73
N LEU D 176 -43.11 16.15 -17.96
CA LEU D 176 -42.34 16.43 -19.17
C LEU D 176 -43.08 17.42 -20.08
N SER D 177 -42.32 18.26 -20.78
CA SER D 177 -42.82 19.23 -21.73
C SER D 177 -41.93 19.18 -22.95
N SER D 178 -42.48 18.72 -24.06
CA SER D 178 -41.77 18.64 -25.33
C SER D 178 -42.34 19.72 -26.24
N THR D 179 -41.47 20.45 -26.93
CA THR D 179 -41.82 21.53 -27.83
C THR D 179 -41.38 21.29 -29.27
N LEU D 180 -42.36 21.12 -30.16
CA LEU D 180 -42.13 20.94 -31.58
C LEU D 180 -42.23 22.31 -32.20
N THR D 181 -41.09 22.82 -32.65
CA THR D 181 -41.00 24.13 -33.28
C THR D 181 -40.97 23.99 -34.79
N LEU D 182 -41.74 24.82 -35.49
CA LEU D 182 -41.83 24.82 -36.96
C LEU D 182 -41.93 26.23 -37.48
N SER D 183 -41.67 26.40 -38.79
CA SER D 183 -41.78 27.70 -39.44
C SER D 183 -43.27 27.98 -39.69
N LYS D 184 -43.61 29.22 -40.09
CA LYS D 184 -44.97 29.63 -40.37
C LYS D 184 -45.50 28.93 -41.63
N ALA D 185 -44.63 28.73 -42.64
CA ALA D 185 -44.97 28.07 -43.91
C ALA D 185 -45.26 26.57 -43.71
N ASP D 186 -44.40 25.86 -42.96
CA ASP D 186 -44.52 24.43 -42.69
C ASP D 186 -45.69 24.07 -41.78
N TYR D 187 -46.17 25.01 -40.95
CA TYR D 187 -47.30 24.78 -40.06
C TYR D 187 -48.65 24.74 -40.80
N GLU D 188 -48.83 25.64 -41.79
CA GLU D 188 -50.05 25.76 -42.59
C GLU D 188 -50.33 24.59 -43.53
N LYS D 189 -49.33 24.10 -44.27
CA LYS D 189 -49.47 23.02 -45.26
C LYS D 189 -49.37 21.57 -44.70
N HIS D 190 -49.97 21.32 -43.53
CA HIS D 190 -50.02 20.00 -42.90
C HIS D 190 -51.35 19.87 -42.18
N LYS D 191 -52.00 18.70 -42.31
CA LYS D 191 -53.33 18.45 -41.75
C LYS D 191 -53.38 18.25 -40.24
N VAL D 192 -52.90 17.11 -39.77
CA VAL D 192 -52.98 16.73 -38.36
C VAL D 192 -51.64 16.70 -37.62
N TYR D 193 -51.71 17.01 -36.32
CA TYR D 193 -50.56 17.04 -35.42
C TYR D 193 -50.82 16.20 -34.19
N ALA D 194 -49.84 15.35 -33.83
CA ALA D 194 -49.99 14.48 -32.66
C ALA D 194 -48.65 14.19 -31.97
N CYS D 195 -48.71 13.80 -30.70
CA CYS D 195 -47.53 13.41 -29.94
C CYS D 195 -47.85 12.06 -29.32
N GLU D 196 -47.04 11.03 -29.67
CA GLU D 196 -47.24 9.66 -29.18
C GLU D 196 -46.40 9.44 -27.95
N VAL D 197 -47.04 8.95 -26.88
CA VAL D 197 -46.40 8.67 -25.60
C VAL D 197 -46.33 7.16 -25.31
N THR D 198 -45.10 6.63 -25.24
CA THR D 198 -44.82 5.22 -24.94
C THR D 198 -44.21 5.20 -23.54
N HIS D 199 -45.06 5.12 -22.51
CA HIS D 199 -44.56 5.12 -21.15
C HIS D 199 -44.81 3.76 -20.47
N GLN D 200 -46.08 3.47 -20.14
CA GLN D 200 -46.61 2.26 -19.52
C GLN D 200 -48.05 2.29 -20.06
N GLY D 201 -48.24 1.79 -21.29
CA GLY D 201 -49.54 1.83 -21.94
C GLY D 201 -50.34 0.57 -22.24
N LEU D 202 -50.34 0.10 -23.51
CA LEU D 202 -49.55 0.62 -24.64
C LEU D 202 -49.94 2.01 -25.22
N SER D 203 -49.07 2.52 -26.13
CA SER D 203 -49.06 3.77 -26.92
C SER D 203 -50.35 4.57 -26.91
N SER D 204 -50.26 5.80 -26.37
CA SER D 204 -51.37 6.72 -26.25
C SER D 204 -51.15 8.10 -26.93
N PRO D 205 -51.30 8.20 -28.28
CA PRO D 205 -51.10 9.51 -28.94
C PRO D 205 -52.30 10.40 -28.67
N VAL D 206 -52.05 11.72 -28.58
CA VAL D 206 -53.06 12.75 -28.38
C VAL D 206 -52.87 13.67 -29.58
N THR D 207 -53.92 13.78 -30.41
CA THR D 207 -53.91 14.58 -31.63
C THR D 207 -54.71 15.87 -31.58
N LYS D 208 -54.49 16.71 -32.61
CA LYS D 208 -55.13 17.99 -32.82
C LYS D 208 -55.06 18.36 -34.31
N SER D 209 -56.12 18.98 -34.83
CA SER D 209 -56.23 19.41 -36.21
C SER D 209 -56.94 20.76 -36.25
N PHE D 210 -56.37 21.71 -37.00
CA PHE D 210 -56.93 23.05 -37.13
C PHE D 210 -57.93 23.11 -38.27
#